data_8BRE
#
_entry.id   8BRE
#
_cell.length_a   90.093
_cell.length_b   90.093
_cell.length_c   178.378
_cell.angle_alpha   90.000
_cell.angle_beta   90.000
_cell.angle_gamma   120.000
#
_symmetry.space_group_name_H-M   'P 63'
#
loop_
_entity.id
_entity.type
_entity.pdbx_description
1 polymer 'Anhydro-N-acetylmuramic acid kinase'
2 non-polymer 'CHLORIDE ION'
3 water water
#
_entity_poly.entity_id   1
_entity_poly.type   'polypeptide(L)'
_entity_poly.pdbx_seq_one_letter_code
;GAGAGMPRYLGLMSGTSLDGMDIVLIEQGDRTTLLASHYLPMPAGLREDILALCVPGPDEIARAAEVEQRWVALAAQGVR
ELLLQQQMSPDEVRAIGSHGQTIRHEPARHFTVQIGNPALLAELTGIDVVADFRRRDVAAGGQGAPLVPAFHQALFGDDD
TSRAVLNIGGFSNVSLLSPGKPVRGFDCGPGNVLMDAWIHHQRGEHFDRDGAWAASGQVNHALLASLLADEFFAARGPKS
TGRERFNLPWLQEHLARHPALPAADIQATLLELSARSISESLLDAQPDCEEVLVCGGGAFNTALMKRLAMLMPEARVAST
DEYGIPPAWMEGMAFAWLAHRFLERLPGNCPDVTGALGPRTLGALYPA
;
_entity_poly.pdbx_strand_id   A,B
#
# COMPACT_ATOMS: atom_id res chain seq x y z
N MET A 6 14.98 24.22 13.54
CA MET A 6 15.06 22.74 13.74
C MET A 6 13.72 22.13 13.35
N PRO A 7 13.67 21.15 12.41
CA PRO A 7 12.40 20.70 11.85
C PRO A 7 11.47 20.02 12.85
N ARG A 8 10.16 20.13 12.59
CA ARG A 8 9.16 19.54 13.46
C ARG A 8 8.42 18.42 12.72
N TYR A 9 8.09 17.36 13.46
CA TYR A 9 7.42 16.22 12.86
C TYR A 9 6.24 15.81 13.72
N LEU A 10 5.26 15.20 13.07
CA LEU A 10 4.19 14.53 13.75
C LEU A 10 4.44 13.02 13.64
N GLY A 11 4.08 12.30 14.68
CA GLY A 11 4.07 10.85 14.69
C GLY A 11 2.65 10.40 14.98
N LEU A 12 2.19 9.42 14.21
CA LEU A 12 0.81 8.96 14.22
C LEU A 12 0.85 7.45 14.36
N MET A 13 0.23 6.93 15.42
CA MET A 13 0.08 5.50 15.50
C MET A 13 -1.20 5.07 16.19
N SER A 14 -1.61 3.86 15.78
CA SER A 14 -2.55 3.02 16.49
C SER A 14 -1.84 1.68 16.73
N GLY A 15 -1.59 1.36 18.01
CA GLY A 15 -0.87 0.15 18.38
C GLY A 15 -1.75 -1.10 18.23
N THR A 16 -1.40 -2.18 18.94
CA THR A 16 -2.14 -3.42 18.87
C THR A 16 -3.17 -3.52 20.01
N SER A 17 -3.33 -2.44 20.81
CA SER A 17 -4.28 -2.41 21.93
C SER A 17 -5.62 -1.83 21.51
N LEU A 18 -5.58 -0.73 20.74
CA LEU A 18 -6.68 -0.29 19.89
C LEU A 18 -7.78 0.42 20.67
N ASP A 19 -7.47 1.09 21.78
CA ASP A 19 -8.48 1.94 22.41
C ASP A 19 -8.45 3.35 21.81
N GLY A 20 -7.38 3.70 21.09
CA GLY A 20 -7.34 4.99 20.43
C GLY A 20 -6.08 5.25 19.61
N MET A 21 -5.90 6.53 19.25
CA MET A 21 -4.84 6.99 18.37
C MET A 21 -3.95 7.98 19.10
N ASP A 22 -2.65 7.71 19.05
CA ASP A 22 -1.61 8.58 19.59
C ASP A 22 -1.13 9.52 18.50
N ILE A 23 -1.02 10.81 18.84
CA ILE A 23 -0.37 11.76 17.97
C ILE A 23 0.62 12.58 18.79
N VAL A 24 1.88 12.63 18.34
CA VAL A 24 2.93 13.37 19.01
C VAL A 24 3.49 14.41 18.05
N LEU A 25 4.02 15.52 18.60
CA LEU A 25 4.77 16.50 17.84
C LEU A 25 6.17 16.60 18.46
N ILE A 26 7.21 16.38 17.65
CA ILE A 26 8.60 16.43 18.13
C ILE A 26 9.32 17.57 17.41
N GLU A 27 10.48 17.95 17.98
CA GLU A 27 11.46 18.76 17.28
C GLU A 27 12.74 17.94 17.15
N GLN A 28 13.26 17.86 15.93
CA GLN A 28 14.47 17.10 15.65
C GLN A 28 15.62 18.07 15.39
N GLY A 29 16.27 18.50 16.47
CA GLY A 29 17.50 19.26 16.39
C GLY A 29 18.69 18.38 16.74
N ASP A 30 19.55 18.88 17.65
CA ASP A 30 20.65 18.09 18.17
C ASP A 30 20.10 16.79 18.76
N ARG A 31 18.94 16.90 19.41
CA ARG A 31 18.25 15.74 19.97
C ARG A 31 16.77 15.80 19.64
N THR A 32 16.06 14.72 20.01
CA THR A 32 14.63 14.61 19.82
C THR A 32 13.91 15.18 21.04
N THR A 33 13.16 16.27 20.86
CA THR A 33 12.36 16.86 21.92
C THR A 33 10.87 16.69 21.61
N LEU A 34 10.11 16.20 22.60
CA LEU A 34 8.65 16.15 22.49
C LEU A 34 8.09 17.54 22.78
N LEU A 35 7.29 18.05 21.83
CA LEU A 35 6.68 19.36 21.91
C LEU A 35 5.25 19.25 22.45
N ALA A 36 4.51 18.22 22.03
CA ALA A 36 3.14 18.02 22.46
C ALA A 36 2.65 16.61 22.12
N SER A 37 1.58 16.23 22.81
CA SER A 37 0.95 14.93 22.69
C SER A 37 -0.56 15.11 22.63
N HIS A 38 -1.24 14.13 22.03
CA HIS A 38 -2.67 14.20 21.80
C HIS A 38 -3.20 12.78 21.59
N TYR A 39 -4.23 12.42 22.36
CA TYR A 39 -4.86 11.11 22.28
C TYR A 39 -6.33 11.28 21.89
N LEU A 40 -6.78 10.48 20.90
CA LEU A 40 -8.19 10.39 20.56
C LEU A 40 -8.68 8.98 20.87
N PRO A 41 -9.90 8.83 21.44
CA PRO A 41 -10.55 7.53 21.48
C PRO A 41 -10.89 7.02 20.08
N MET A 42 -10.70 5.72 19.90
CA MET A 42 -11.16 5.04 18.70
C MET A 42 -12.57 4.53 18.96
N PRO A 43 -13.57 4.78 18.08
CA PRO A 43 -14.88 4.15 18.25
C PRO A 43 -14.71 2.64 18.40
N ALA A 44 -15.55 2.03 19.26
CA ALA A 44 -15.54 0.59 19.45
C ALA A 44 -15.71 -0.12 18.12
N GLY A 45 -16.58 0.39 17.25
CA GLY A 45 -16.83 -0.20 15.95
C GLY A 45 -15.57 -0.24 15.07
N LEU A 46 -14.76 0.81 15.15
CA LEU A 46 -13.56 0.87 14.34
C LEU A 46 -12.56 -0.15 14.89
N ARG A 47 -12.48 -0.28 16.21
CA ARG A 47 -11.58 -1.23 16.86
C ARG A 47 -11.94 -2.65 16.44
N GLU A 48 -13.23 -2.98 16.44
CA GLU A 48 -13.67 -4.35 16.12
C GLU A 48 -13.47 -4.65 14.64
N ASP A 49 -13.71 -3.64 13.79
CA ASP A 49 -13.61 -3.81 12.35
C ASP A 49 -12.14 -4.03 11.96
N ILE A 50 -11.22 -3.39 12.70
CA ILE A 50 -9.80 -3.64 12.53
C ILE A 50 -9.46 -5.07 12.97
N LEU A 51 -9.94 -5.46 14.15
CA LEU A 51 -9.65 -6.79 14.68
C LEU A 51 -10.26 -7.86 13.77
N ALA A 52 -11.38 -7.54 13.12
CA ALA A 52 -12.01 -8.41 12.14
C ALA A 52 -11.17 -8.58 10.88
N LEU A 53 -10.21 -7.68 10.64
CA LEU A 53 -9.29 -7.80 9.53
C LEU A 53 -7.96 -8.45 9.95
N CYS A 54 -7.79 -8.80 11.23
CA CYS A 54 -6.54 -9.37 11.68
C CYS A 54 -6.50 -10.89 11.53
N VAL A 55 -7.62 -11.50 11.09
CA VAL A 55 -7.69 -12.91 10.78
C VAL A 55 -8.21 -13.03 9.34
N PRO A 56 -7.92 -14.12 8.59
CA PRO A 56 -8.45 -14.29 7.24
C PRO A 56 -9.98 -14.24 7.20
N GLY A 57 -10.54 -13.62 6.15
CA GLY A 57 -11.98 -13.44 6.07
C GLY A 57 -12.45 -13.10 4.67
N PRO A 58 -13.76 -12.91 4.46
CA PRO A 58 -14.27 -12.49 3.15
C PRO A 58 -14.11 -11.02 2.82
N ASP A 59 -14.05 -10.72 1.52
CA ASP A 59 -14.20 -9.36 1.00
C ASP A 59 -13.22 -8.38 1.64
N GLU A 60 -11.99 -8.82 1.91
CA GLU A 60 -11.05 -8.05 2.71
C GLU A 60 -10.59 -6.76 2.01
N ILE A 61 -10.44 -6.76 0.68
CA ILE A 61 -9.94 -5.59 -0.04
C ILE A 61 -10.89 -4.42 0.20
N ALA A 62 -12.16 -4.61 -0.16
CA ALA A 62 -13.22 -3.64 0.09
C ALA A 62 -13.31 -3.31 1.57
N ARG A 63 -13.36 -4.32 2.46
CA ARG A 63 -13.51 -4.06 3.89
C ARG A 63 -12.35 -3.18 4.39
N ALA A 64 -11.10 -3.52 4.02
CA ALA A 64 -9.94 -2.79 4.50
C ALA A 64 -9.94 -1.35 3.99
N ALA A 65 -10.44 -1.13 2.77
CA ALA A 65 -10.41 0.18 2.14
C ALA A 65 -11.35 1.12 2.89
N GLU A 66 -12.49 0.58 3.33
CA GLU A 66 -13.48 1.32 4.10
C GLU A 66 -12.97 1.60 5.51
N VAL A 67 -12.35 0.59 6.15
CA VAL A 67 -11.83 0.74 7.49
C VAL A 67 -10.74 1.82 7.49
N GLU A 68 -9.89 1.76 6.46
CA GLU A 68 -8.73 2.62 6.34
C GLU A 68 -9.15 4.09 6.16
N GLN A 69 -10.25 4.32 5.42
CA GLN A 69 -10.86 5.64 5.30
C GLN A 69 -11.26 6.23 6.66
N ARG A 70 -11.83 5.38 7.52
CA ARG A 70 -12.28 5.80 8.84
C ARG A 70 -11.07 6.07 9.74
N TRP A 71 -10.04 5.22 9.66
CA TRP A 71 -8.83 5.38 10.44
C TRP A 71 -8.11 6.68 10.07
N VAL A 72 -7.99 6.95 8.77
CA VAL A 72 -7.33 8.14 8.26
C VAL A 72 -8.09 9.40 8.69
N ALA A 73 -9.42 9.37 8.55
CA ALA A 73 -10.30 10.46 8.95
C ALA A 73 -10.04 10.84 10.41
N LEU A 74 -9.95 9.82 11.27
CA LEU A 74 -9.74 10.03 12.69
C LEU A 74 -8.36 10.65 12.96
N ALA A 75 -7.31 10.05 12.39
CA ALA A 75 -5.96 10.59 12.44
C ALA A 75 -5.91 12.07 12.05
N ALA A 76 -6.46 12.43 10.88
CA ALA A 76 -6.46 13.79 10.39
C ALA A 76 -7.19 14.73 11.35
N GLN A 77 -8.25 14.20 11.98
CA GLN A 77 -9.05 14.95 12.93
C GLN A 77 -8.19 15.29 14.13
N GLY A 78 -7.49 14.27 14.65
CA GLY A 78 -6.56 14.47 15.75
C GLY A 78 -5.45 15.47 15.41
N VAL A 79 -4.93 15.39 14.19
CA VAL A 79 -3.85 16.26 13.76
C VAL A 79 -4.34 17.71 13.72
N ARG A 80 -5.58 17.90 13.27
CA ARG A 80 -6.17 19.22 13.14
C ARG A 80 -6.35 19.82 14.53
N GLU A 81 -6.90 19.02 15.46
CA GLU A 81 -7.19 19.45 16.81
C GLU A 81 -5.91 19.85 17.54
N LEU A 82 -4.84 19.07 17.34
CA LEU A 82 -3.58 19.31 18.01
C LEU A 82 -2.94 20.59 17.51
N LEU A 83 -2.98 20.83 16.18
CA LEU A 83 -2.30 21.99 15.61
C LEU A 83 -3.03 23.26 16.02
N LEU A 84 -4.37 23.22 16.00
CA LEU A 84 -5.19 24.34 16.41
C LEU A 84 -4.92 24.65 17.88
N GLN A 85 -4.84 23.59 18.71
CA GLN A 85 -4.69 23.77 20.14
C GLN A 85 -3.30 24.31 20.46
N GLN A 86 -2.31 23.98 19.62
CA GLN A 86 -0.93 24.43 19.78
C GLN A 86 -0.65 25.77 19.08
N GLN A 87 -1.67 26.38 18.46
CA GLN A 87 -1.54 27.60 17.67
C GLN A 87 -0.47 27.43 16.60
N MET A 88 -0.61 26.35 15.81
CA MET A 88 0.36 26.00 14.81
C MET A 88 -0.37 25.80 13.48
N SER A 89 0.30 26.15 12.37
CA SER A 89 -0.27 25.88 11.06
C SER A 89 0.42 24.64 10.50
N PRO A 90 -0.27 23.88 9.61
CA PRO A 90 0.31 22.67 9.04
C PRO A 90 1.68 22.91 8.41
N ASP A 91 1.92 24.13 7.89
CA ASP A 91 3.14 24.46 7.19
C ASP A 91 4.35 24.48 8.13
N GLU A 92 4.10 24.45 9.44
CA GLU A 92 5.18 24.41 10.43
C GLU A 92 5.67 22.97 10.62
N VAL A 93 4.92 22.01 10.10
CA VAL A 93 5.28 20.61 10.26
C VAL A 93 5.93 20.13 8.97
N ARG A 94 7.15 19.59 9.06
CA ARG A 94 7.86 19.11 7.88
C ARG A 94 7.19 17.84 7.32
N ALA A 95 6.81 16.91 8.17
CA ALA A 95 6.11 15.71 7.73
C ALA A 95 5.44 14.99 8.88
N ILE A 96 4.43 14.17 8.54
CA ILE A 96 3.87 13.18 9.44
C ILE A 96 4.55 11.86 9.17
N GLY A 97 4.97 11.18 10.24
CA GLY A 97 5.38 9.79 10.19
C GLY A 97 4.26 8.89 10.68
N SER A 98 3.62 8.18 9.75
CA SER A 98 2.48 7.33 10.05
C SER A 98 2.89 5.85 10.09
N HIS A 99 2.65 5.25 11.27
CA HIS A 99 2.85 3.86 11.59
C HIS A 99 1.80 3.01 10.89
N GLY A 100 0.67 3.64 10.51
CA GLY A 100 -0.48 2.95 9.97
C GLY A 100 -1.07 1.99 10.99
N GLN A 101 -1.90 1.05 10.50
CA GLN A 101 -2.52 0.01 11.30
C GLN A 101 -2.20 -1.36 10.70
N THR A 102 -1.48 -2.20 11.46
CA THR A 102 -1.14 -3.54 11.01
C THR A 102 -2.39 -4.40 11.09
N ILE A 103 -2.74 -5.07 9.99
CA ILE A 103 -3.83 -6.02 9.99
C ILE A 103 -3.30 -7.44 9.72
N ARG A 104 -2.05 -7.58 9.27
CA ARG A 104 -1.49 -8.91 9.04
C ARG A 104 0.03 -8.81 8.97
N HIS A 105 0.72 -9.51 9.89
CA HIS A 105 2.17 -9.52 9.91
C HIS A 105 2.64 -10.96 9.73
N GLU A 106 3.24 -11.26 8.57
CA GLU A 106 3.59 -12.60 8.16
C GLU A 106 5.00 -12.62 7.58
N PRO A 107 6.04 -12.30 8.36
CA PRO A 107 7.41 -12.24 7.83
C PRO A 107 7.88 -13.57 7.24
N ALA A 108 7.39 -14.69 7.79
CA ALA A 108 7.70 -16.02 7.31
C ALA A 108 7.15 -16.25 5.90
N ARG A 109 6.08 -15.51 5.53
CA ARG A 109 5.56 -15.53 4.17
C ARG A 109 5.98 -14.25 3.46
N HIS A 110 6.92 -13.50 4.07
CA HIS A 110 7.58 -12.37 3.44
C HIS A 110 6.60 -11.23 3.17
N PHE A 111 5.66 -11.00 4.09
CA PHE A 111 4.76 -9.87 3.92
C PHE A 111 4.31 -9.32 5.27
N THR A 112 4.02 -8.03 5.25
CA THR A 112 3.40 -7.32 6.36
C THR A 112 2.47 -6.27 5.73
N VAL A 113 1.30 -6.07 6.34
CA VAL A 113 0.24 -5.26 5.76
C VAL A 113 -0.20 -4.20 6.78
N GLN A 114 0.16 -2.95 6.48
CA GLN A 114 -0.31 -1.79 7.20
C GLN A 114 -1.28 -1.05 6.29
N ILE A 115 -2.49 -0.76 6.79
CA ILE A 115 -3.40 0.10 6.06
C ILE A 115 -3.33 1.51 6.67
N GLY A 116 -3.95 2.48 5.99
CA GLY A 116 -3.89 3.88 6.42
C GLY A 116 -3.59 4.87 5.30
N ASN A 117 -4.13 4.57 4.11
CA ASN A 117 -4.19 5.43 2.94
C ASN A 117 -3.46 6.76 3.15
N PRO A 118 -2.12 6.73 2.98
CA PRO A 118 -1.29 7.91 3.21
C PRO A 118 -1.64 9.06 2.28
N ALA A 119 -2.13 8.77 1.06
CA ALA A 119 -2.54 9.77 0.10
C ALA A 119 -3.70 10.62 0.63
N LEU A 120 -4.68 9.96 1.26
CA LEU A 120 -5.83 10.62 1.87
C LEU A 120 -5.42 11.37 3.13
N LEU A 121 -4.45 10.81 3.87
CA LEU A 121 -3.86 11.48 5.01
C LEU A 121 -3.20 12.81 4.61
N ALA A 122 -2.48 12.82 3.48
CA ALA A 122 -1.87 14.05 2.95
C ALA A 122 -2.95 15.02 2.47
N GLU A 123 -3.93 14.52 1.71
CA GLU A 123 -5.08 15.32 1.31
C GLU A 123 -5.71 16.03 2.51
N LEU A 124 -6.01 15.27 3.56
CA LEU A 124 -6.81 15.80 4.65
C LEU A 124 -5.99 16.79 5.49
N THR A 125 -4.69 16.51 5.70
CA THR A 125 -3.85 17.24 6.64
C THR A 125 -3.12 18.41 5.98
N GLY A 126 -2.85 18.32 4.68
CA GLY A 126 -2.05 19.32 4.01
C GLY A 126 -0.57 19.21 4.39
N ILE A 127 -0.18 18.07 4.95
CA ILE A 127 1.19 17.85 5.38
C ILE A 127 1.73 16.62 4.66
N ASP A 128 3.01 16.66 4.25
CA ASP A 128 3.67 15.48 3.69
C ASP A 128 3.59 14.30 4.68
N VAL A 129 3.39 13.09 4.15
CA VAL A 129 3.26 11.89 4.96
C VAL A 129 4.31 10.87 4.53
N VAL A 130 5.03 10.35 5.52
CA VAL A 130 5.90 9.19 5.33
C VAL A 130 5.23 8.02 6.01
N ALA A 131 5.00 6.95 5.24
CA ALA A 131 4.36 5.76 5.75
C ALA A 131 5.04 4.52 5.15
N ASP A 132 4.56 3.34 5.55
CA ASP A 132 4.94 2.07 4.93
C ASP A 132 6.42 1.77 5.22
N PHE A 133 6.76 1.88 6.50
CA PHE A 133 8.13 1.77 6.96
C PHE A 133 8.62 0.31 7.00
N ARG A 134 7.71 -0.65 7.22
CA ARG A 134 8.13 -2.02 7.48
C ARG A 134 8.54 -2.75 6.20
N ARG A 135 7.92 -2.39 5.07
CA ARG A 135 7.99 -3.26 3.90
C ARG A 135 9.39 -3.28 3.28
N ARG A 136 10.16 -2.17 3.33
CA ARG A 136 11.51 -2.26 2.78
C ARG A 136 12.36 -3.23 3.61
N ASP A 137 12.18 -3.22 4.93
CA ASP A 137 12.91 -4.16 5.77
C ASP A 137 12.54 -5.59 5.36
N VAL A 138 11.25 -5.86 5.14
CA VAL A 138 10.80 -7.19 4.75
C VAL A 138 11.36 -7.56 3.37
N ALA A 139 11.34 -6.61 2.42
CA ALA A 139 11.85 -6.84 1.07
C ALA A 139 13.33 -7.23 1.09
N ALA A 140 14.06 -6.84 2.15
CA ALA A 140 15.48 -7.12 2.25
C ALA A 140 15.75 -8.32 3.17
N GLY A 141 14.73 -9.17 3.35
CA GLY A 141 14.86 -10.43 4.08
C GLY A 141 14.70 -10.25 5.59
N GLY A 142 14.17 -9.11 6.03
CA GLY A 142 13.99 -8.84 7.44
C GLY A 142 12.59 -9.19 7.94
N GLN A 143 12.43 -9.09 9.27
CA GLN A 143 11.18 -9.38 9.97
C GLN A 143 10.22 -8.18 9.90
N GLY A 144 10.75 -6.99 9.58
CA GLY A 144 9.93 -5.79 9.45
C GLY A 144 9.59 -5.15 10.80
N ALA A 145 10.34 -5.53 11.85
CA ALA A 145 9.96 -5.26 13.22
C ALA A 145 10.98 -5.88 14.17
N PRO A 146 11.19 -5.29 15.38
CA PRO A 146 10.69 -3.97 15.70
C PRO A 146 11.54 -2.88 15.04
N LEU A 147 10.96 -1.69 14.86
CA LEU A 147 11.64 -0.58 14.18
C LEU A 147 12.09 0.50 15.18
N VAL A 148 11.72 0.35 16.45
CA VAL A 148 12.06 1.36 17.46
C VAL A 148 13.52 1.30 17.92
N PRO A 149 14.30 0.20 17.78
CA PRO A 149 15.67 0.16 18.29
C PRO A 149 16.63 1.29 17.89
N ALA A 150 16.61 1.67 16.61
CA ALA A 150 17.43 2.77 16.12
C ALA A 150 17.04 4.08 16.81
N PHE A 151 15.74 4.27 17.05
CA PHE A 151 15.30 5.44 17.78
C PHE A 151 15.76 5.33 19.23
N HIS A 152 15.48 4.17 19.85
CA HIS A 152 15.93 3.90 21.21
C HIS A 152 17.42 4.21 21.36
N GLN A 153 18.22 3.77 20.38
CA GLN A 153 19.66 3.96 20.40
C GLN A 153 20.00 5.45 20.32
N ALA A 154 19.28 6.19 19.45
CA ALA A 154 19.51 7.62 19.32
C ALA A 154 19.18 8.34 20.63
N LEU A 155 18.15 7.86 21.32
CA LEU A 155 17.69 8.50 22.56
C LEU A 155 18.64 8.20 23.72
N PHE A 156 19.03 6.92 23.86
CA PHE A 156 19.62 6.45 25.10
C PHE A 156 20.95 5.73 24.85
N GLY A 157 21.62 6.05 23.75
CA GLY A 157 22.88 5.40 23.40
C GLY A 157 24.05 5.94 24.23
N ASP A 158 24.51 5.12 25.17
CA ASP A 158 25.47 5.56 26.19
C ASP A 158 26.59 4.52 26.29
N ASP A 159 27.84 4.99 26.43
CA ASP A 159 29.00 4.12 26.56
C ASP A 159 29.23 3.78 28.04
N ASP A 160 28.71 4.61 28.94
CA ASP A 160 28.98 4.48 30.36
C ASP A 160 28.06 3.45 31.02
N THR A 161 26.99 3.03 30.31
CA THR A 161 25.98 2.16 30.90
C THR A 161 25.43 1.19 29.87
N SER A 162 25.30 -0.09 30.27
CA SER A 162 24.56 -1.07 29.52
C SER A 162 23.07 -0.91 29.81
N ARG A 163 22.31 -0.59 28.75
CA ARG A 163 20.89 -0.30 28.89
C ARG A 163 20.06 -1.30 28.08
N ALA A 164 18.89 -1.61 28.62
CA ALA A 164 17.82 -2.28 27.88
C ALA A 164 16.62 -1.34 27.82
N VAL A 165 16.18 -1.00 26.60
CA VAL A 165 14.96 -0.23 26.40
C VAL A 165 13.86 -1.25 26.08
N LEU A 166 12.82 -1.26 26.92
CA LEU A 166 11.80 -2.30 26.91
C LEU A 166 10.41 -1.68 26.67
N ASN A 167 9.80 -2.00 25.52
CA ASN A 167 8.44 -1.57 25.23
C ASN A 167 7.48 -2.71 25.58
N ILE A 168 6.56 -2.43 26.49
CA ILE A 168 5.48 -3.35 26.81
C ILE A 168 4.18 -2.79 26.23
N GLY A 169 3.95 -3.12 24.96
CA GLY A 169 2.66 -2.87 24.32
C GLY A 169 1.86 -4.16 24.32
N GLY A 170 1.14 -4.43 23.21
CA GLY A 170 0.54 -5.73 23.01
C GLY A 170 1.55 -6.83 23.30
N PHE A 171 2.70 -6.75 22.62
CA PHE A 171 3.82 -7.64 22.82
C PHE A 171 4.96 -6.83 23.44
N SER A 172 5.98 -7.54 23.94
CA SER A 172 7.12 -6.91 24.58
C SER A 172 8.33 -6.99 23.65
N ASN A 173 8.99 -5.85 23.43
CA ASN A 173 10.21 -5.81 22.63
C ASN A 173 11.28 -5.03 23.38
N VAL A 174 12.53 -5.54 23.30
CA VAL A 174 13.65 -4.98 24.04
C VAL A 174 14.73 -4.55 23.05
N SER A 175 15.29 -3.35 23.28
CA SER A 175 16.45 -2.89 22.55
C SER A 175 17.67 -2.97 23.48
N LEU A 176 18.68 -3.74 23.07
CA LEU A 176 19.87 -3.99 23.86
C LEU A 176 20.98 -3.06 23.39
N LEU A 177 21.25 -2.05 24.21
CA LEU A 177 22.24 -1.03 23.95
C LEU A 177 23.48 -1.30 24.80
N SER A 178 24.47 -1.98 24.21
CA SER A 178 25.68 -2.35 24.92
C SER A 178 26.84 -1.47 24.43
N PRO A 179 27.52 -0.73 25.32
CA PRO A 179 28.72 0.04 24.96
C PRO A 179 29.70 -0.75 24.08
N GLY A 180 30.15 -0.11 23.00
CA GLY A 180 31.12 -0.71 22.08
C GLY A 180 30.59 -1.97 21.40
N LYS A 181 29.28 -2.00 21.12
CA LYS A 181 28.68 -3.13 20.42
C LYS A 181 27.57 -2.63 19.50
N PRO A 182 27.18 -3.44 18.47
CA PRO A 182 25.98 -3.15 17.68
C PRO A 182 24.73 -3.23 18.54
N VAL A 183 23.67 -2.54 18.09
CA VAL A 183 22.37 -2.62 18.75
C VAL A 183 21.76 -3.98 18.43
N ARG A 184 21.29 -4.67 19.47
CA ARG A 184 20.50 -5.89 19.29
C ARG A 184 19.09 -5.63 19.84
N GLY A 185 18.21 -6.60 19.59
CA GLY A 185 16.83 -6.50 20.04
C GLY A 185 15.94 -7.54 19.36
N PHE A 186 14.73 -7.67 19.88
CA PHE A 186 13.78 -8.70 19.47
C PHE A 186 12.53 -8.58 20.31
N ASP A 187 11.39 -8.99 19.75
CA ASP A 187 10.16 -9.14 20.53
C ASP A 187 10.36 -10.31 21.50
N CYS A 188 10.29 -10.01 22.81
CA CYS A 188 10.44 -11.00 23.86
C CYS A 188 9.22 -11.93 23.91
N GLY A 189 8.09 -11.42 23.41
CA GLY A 189 6.84 -12.17 23.37
C GLY A 189 5.68 -11.36 23.93
N PRO A 190 4.86 -11.94 24.83
CA PRO A 190 3.62 -11.28 25.25
C PRO A 190 3.86 -10.11 26.20
N GLY A 191 3.15 -9.02 25.94
CA GLY A 191 3.03 -7.90 26.85
C GLY A 191 1.65 -7.93 27.51
N ASN A 192 0.75 -7.06 27.03
CA ASN A 192 -0.58 -6.93 27.58
C ASN A 192 -1.58 -7.86 26.88
N VAL A 193 -1.15 -8.53 25.81
CA VAL A 193 -2.07 -9.07 24.82
C VAL A 193 -2.87 -10.24 25.39
N LEU A 194 -2.22 -11.17 26.10
CA LEU A 194 -2.95 -12.29 26.70
C LEU A 194 -3.82 -11.79 27.85
N MET A 195 -3.30 -10.85 28.65
CA MET A 195 -4.04 -10.26 29.74
C MET A 195 -5.24 -9.48 29.20
N ASP A 196 -5.05 -8.80 28.06
CA ASP A 196 -6.15 -8.15 27.36
C ASP A 196 -7.15 -9.23 26.90
N ALA A 197 -6.63 -10.29 26.27
CA ALA A 197 -7.48 -11.31 25.67
C ALA A 197 -8.34 -11.98 26.73
N TRP A 198 -7.78 -12.26 27.91
CA TRP A 198 -8.50 -12.99 28.93
C TRP A 198 -9.63 -12.14 29.50
N ILE A 199 -9.32 -10.93 29.98
CA ILE A 199 -10.35 -10.10 30.60
C ILE A 199 -11.42 -9.75 29.56
N HIS A 200 -11.03 -9.63 28.30
CA HIS A 200 -11.99 -9.40 27.22
C HIS A 200 -12.94 -10.59 27.08
N HIS A 201 -12.37 -11.78 26.87
CA HIS A 201 -13.19 -12.98 26.75
C HIS A 201 -14.11 -13.11 27.95
N GLN A 202 -13.55 -12.90 29.15
CA GLN A 202 -14.25 -13.22 30.39
C GLN A 202 -15.35 -12.19 30.66
N ARG A 203 -15.06 -10.90 30.46
CA ARG A 203 -15.92 -9.83 30.93
C ARG A 203 -16.20 -8.76 29.87
N GLY A 204 -15.51 -8.81 28.72
CA GLY A 204 -15.76 -7.89 27.63
C GLY A 204 -15.00 -6.56 27.77
N GLU A 205 -14.16 -6.46 28.80
CA GLU A 205 -13.30 -5.30 28.97
C GLU A 205 -12.18 -5.38 27.94
N HIS A 206 -11.68 -4.22 27.51
CA HIS A 206 -10.66 -4.16 26.46
C HIS A 206 -9.28 -4.45 27.06
N PHE A 207 -9.08 -4.06 28.32
CA PHE A 207 -7.83 -4.29 29.02
C PHE A 207 -8.06 -4.32 30.53
N ASP A 208 -7.08 -4.85 31.27
CA ASP A 208 -7.10 -4.89 32.72
C ASP A 208 -6.43 -3.63 33.24
N ARG A 209 -7.24 -2.68 33.71
CA ARG A 209 -6.79 -1.34 34.06
C ARG A 209 -6.03 -1.40 35.39
N ASP A 210 -4.80 -0.89 35.38
CA ASP A 210 -3.92 -0.86 36.55
C ASP A 210 -3.42 -2.25 36.92
N GLY A 211 -3.65 -3.23 36.04
CA GLY A 211 -3.40 -4.64 36.38
C GLY A 211 -4.10 -5.05 37.67
N ALA A 212 -5.30 -4.49 37.91
CA ALA A 212 -5.99 -4.63 39.18
C ALA A 212 -6.55 -6.03 39.37
N TRP A 213 -7.22 -6.54 38.34
CA TRP A 213 -7.89 -7.84 38.39
C TRP A 213 -6.85 -8.96 38.49
N ALA A 214 -5.69 -8.75 37.87
CA ALA A 214 -4.55 -9.64 38.04
C ALA A 214 -4.12 -9.65 39.50
N ALA A 215 -4.11 -8.47 40.13
CA ALA A 215 -3.59 -8.28 41.49
C ALA A 215 -4.42 -9.07 42.49
N SER A 216 -5.73 -9.13 42.27
CA SER A 216 -6.64 -9.85 43.14
C SER A 216 -6.36 -11.35 43.14
N GLY A 217 -5.87 -11.86 42.00
CA GLY A 217 -5.73 -13.30 41.80
C GLY A 217 -4.46 -13.87 42.42
N GLN A 218 -4.26 -15.18 42.21
CA GLN A 218 -3.14 -15.92 42.76
C GLN A 218 -2.45 -16.67 41.62
N VAL A 219 -1.13 -16.49 41.52
CA VAL A 219 -0.35 -17.12 40.45
C VAL A 219 -0.43 -18.63 40.59
N ASN A 220 -0.70 -19.32 39.47
CA ASN A 220 -0.74 -20.78 39.43
C ASN A 220 0.58 -21.27 38.84
N HIS A 221 1.44 -21.81 39.72
CA HIS A 221 2.82 -22.14 39.38
C HIS A 221 2.85 -23.27 38.35
N ALA A 222 1.84 -24.14 38.37
CA ALA A 222 1.77 -25.25 37.43
C ALA A 222 1.45 -24.74 36.03
N LEU A 223 0.39 -23.94 35.90
CA LEU A 223 -0.04 -23.39 34.61
C LEU A 223 1.06 -22.52 34.03
N LEU A 224 1.72 -21.74 34.90
CA LEU A 224 2.82 -20.87 34.47
C LEU A 224 3.91 -21.70 33.82
N ALA A 225 4.24 -22.84 34.46
CA ALA A 225 5.32 -23.71 33.99
C ALA A 225 4.98 -24.28 32.62
N SER A 226 3.70 -24.55 32.35
CA SER A 226 3.28 -25.10 31.07
C SER A 226 3.28 -24.03 29.97
N LEU A 227 3.10 -22.76 30.37
CA LEU A 227 3.16 -21.64 29.45
C LEU A 227 4.61 -21.31 29.13
N LEU A 228 5.44 -21.17 30.19
CA LEU A 228 6.87 -20.92 30.03
C LEU A 228 7.58 -22.13 29.41
N ALA A 229 6.92 -23.30 29.43
CA ALA A 229 7.41 -24.46 28.72
C ALA A 229 7.35 -24.24 27.19
N ASP A 230 6.48 -23.34 26.73
CA ASP A 230 6.33 -23.09 25.30
C ASP A 230 7.71 -22.89 24.69
N GLU A 231 7.97 -23.68 23.64
CA GLU A 231 9.29 -23.75 23.01
C GLU A 231 9.70 -22.41 22.44
N PHE A 232 8.71 -21.59 22.03
CA PHE A 232 8.98 -20.26 21.48
C PHE A 232 10.15 -19.59 22.19
N PHE A 233 10.08 -19.55 23.52
CA PHE A 233 10.99 -18.76 24.34
C PHE A 233 12.45 -19.14 24.03
N ALA A 234 12.66 -20.40 23.62
CA ALA A 234 13.99 -20.89 23.28
C ALA A 234 14.53 -20.22 22.00
N ALA A 235 13.64 -19.79 21.10
CA ALA A 235 14.05 -19.14 19.85
C ALA A 235 14.77 -17.83 20.17
N ARG A 236 15.95 -17.65 19.57
CA ARG A 236 16.80 -16.50 19.86
C ARG A 236 17.07 -15.75 18.56
N GLY A 237 17.78 -14.62 18.65
CA GLY A 237 18.06 -13.78 17.50
C GLY A 237 16.80 -13.04 17.02
N PRO A 238 16.79 -12.56 15.75
CA PRO A 238 15.63 -11.86 15.18
C PRO A 238 14.29 -12.59 15.35
N LYS A 239 13.31 -11.87 15.91
CA LYS A 239 12.00 -12.40 16.23
C LYS A 239 11.01 -11.24 16.33
N SER A 240 9.78 -11.42 15.81
CA SER A 240 8.78 -10.36 15.84
C SER A 240 7.37 -10.90 16.08
N THR A 241 6.71 -10.30 17.10
CA THR A 241 5.28 -10.43 17.40
C THR A 241 4.84 -11.89 17.44
N GLY A 242 5.57 -12.73 18.17
CA GLY A 242 5.16 -14.10 18.40
C GLY A 242 5.46 -15.00 17.20
N ARG A 243 6.51 -15.82 17.33
CA ARG A 243 6.80 -16.91 16.42
C ARG A 243 5.75 -18.01 16.63
N GLU A 244 5.11 -17.99 17.81
CA GLU A 244 3.86 -18.71 18.06
C GLU A 244 2.77 -17.71 18.39
N ARG A 245 1.99 -17.29 17.38
CA ARG A 245 0.98 -16.26 17.53
C ARG A 245 0.26 -16.44 18.87
N PHE A 246 0.53 -15.52 19.80
CA PHE A 246 -0.02 -15.57 21.15
C PHE A 246 -1.45 -15.06 21.13
N ASN A 247 -2.40 -15.95 21.42
CA ASN A 247 -3.82 -15.66 21.25
C ASN A 247 -4.63 -16.45 22.28
N LEU A 248 -5.95 -16.21 22.28
CA LEU A 248 -6.88 -16.85 23.20
C LEU A 248 -7.04 -18.34 22.89
N PRO A 249 -7.23 -18.76 21.62
CA PRO A 249 -7.23 -20.19 21.28
C PRO A 249 -6.00 -20.94 21.79
N TRP A 250 -4.84 -20.28 21.78
CA TRP A 250 -3.61 -20.86 22.30
C TRP A 250 -3.73 -21.05 23.81
N LEU A 251 -4.31 -20.06 24.50
CA LEU A 251 -4.46 -20.09 25.94
C LEU A 251 -5.46 -21.17 26.36
N GLN A 252 -6.64 -21.14 25.77
CA GLN A 252 -7.73 -22.03 26.17
C GLN A 252 -7.31 -23.49 26.00
N GLU A 253 -6.51 -23.75 24.96
CA GLU A 253 -5.94 -25.07 24.72
C GLU A 253 -5.15 -25.53 25.95
N HIS A 254 -4.38 -24.62 26.56
CA HIS A 254 -3.57 -24.93 27.72
C HIS A 254 -4.45 -25.09 28.98
N LEU A 255 -5.52 -24.29 29.08
CA LEU A 255 -6.32 -24.21 30.29
C LEU A 255 -7.01 -25.53 30.57
N ALA A 256 -7.61 -26.14 29.53
CA ALA A 256 -8.44 -27.32 29.68
C ALA A 256 -7.64 -28.49 30.28
N ARG A 257 -6.35 -28.59 29.91
CA ARG A 257 -5.50 -29.69 30.34
C ARG A 257 -5.38 -29.69 31.86
N HIS A 258 -5.12 -28.51 32.44
CA HIS A 258 -5.01 -28.35 33.88
C HIS A 258 -6.39 -28.39 34.53
N PRO A 259 -6.50 -28.53 35.87
CA PRO A 259 -7.78 -28.42 36.56
C PRO A 259 -8.43 -27.07 36.32
N ALA A 260 -9.73 -26.96 36.64
CA ALA A 260 -10.48 -25.73 36.48
C ALA A 260 -9.94 -24.69 37.46
N LEU A 261 -9.51 -23.53 36.94
CA LEU A 261 -8.92 -22.47 37.74
C LEU A 261 -9.85 -21.27 37.77
N PRO A 262 -9.86 -20.46 38.86
CA PRO A 262 -10.53 -19.16 38.86
C PRO A 262 -9.92 -18.18 37.87
N ALA A 263 -10.77 -17.40 37.21
CA ALA A 263 -10.36 -16.49 36.16
C ALA A 263 -9.27 -15.53 36.65
N ALA A 264 -9.43 -15.01 37.88
CA ALA A 264 -8.48 -14.08 38.47
C ALA A 264 -7.07 -14.70 38.54
N ASP A 265 -7.01 -16.01 38.83
CA ASP A 265 -5.74 -16.71 38.94
C ASP A 265 -5.10 -16.83 37.57
N ILE A 266 -5.94 -17.06 36.55
CA ILE A 266 -5.47 -17.11 35.17
C ILE A 266 -4.84 -15.76 34.82
N GLN A 267 -5.47 -14.67 35.24
CA GLN A 267 -4.98 -13.32 34.95
C GLN A 267 -3.63 -13.09 35.65
N ALA A 268 -3.52 -13.54 36.91
CA ALA A 268 -2.28 -13.39 37.67
C ALA A 268 -1.15 -14.17 37.00
N THR A 269 -1.49 -15.35 36.46
CA THR A 269 -0.50 -16.20 35.83
C THR A 269 0.01 -15.56 34.54
N LEU A 270 -0.91 -14.96 33.77
CA LEU A 270 -0.56 -14.30 32.53
C LEU A 270 0.39 -13.13 32.81
N LEU A 271 0.13 -12.38 33.88
CA LEU A 271 1.02 -11.28 34.26
C LEU A 271 2.41 -11.83 34.53
N GLU A 272 2.50 -12.93 35.29
CA GLU A 272 3.78 -13.51 35.65
C GLU A 272 4.50 -14.04 34.41
N LEU A 273 3.74 -14.52 33.41
CA LEU A 273 4.31 -15.02 32.18
C LEU A 273 5.09 -13.92 31.46
N SER A 274 4.50 -12.73 31.37
CA SER A 274 5.13 -11.61 30.70
C SER A 274 6.42 -11.25 31.45
N ALA A 275 6.28 -11.05 32.77
CA ALA A 275 7.38 -10.68 33.64
C ALA A 275 8.56 -11.65 33.45
N ARG A 276 8.26 -12.96 33.42
CA ARG A 276 9.27 -13.99 33.38
C ARG A 276 9.94 -14.06 32.01
N SER A 277 9.15 -14.02 30.94
CA SER A 277 9.66 -14.17 29.59
C SER A 277 10.55 -12.99 29.21
N ILE A 278 10.21 -11.79 29.72
CA ILE A 278 11.02 -10.60 29.48
C ILE A 278 12.36 -10.78 30.20
N SER A 279 12.31 -10.98 31.52
CA SER A 279 13.49 -11.13 32.36
C SER A 279 14.50 -12.08 31.73
N GLU A 280 14.02 -13.22 31.23
CA GLU A 280 14.89 -14.31 30.84
C GLU A 280 15.36 -14.11 29.40
N SER A 281 14.49 -13.59 28.52
CA SER A 281 14.90 -13.26 27.17
C SER A 281 15.87 -12.07 27.18
N LEU A 282 15.83 -11.27 28.26
CA LEU A 282 16.62 -10.06 28.37
C LEU A 282 17.99 -10.39 28.95
N LEU A 283 18.00 -11.03 30.12
CA LEU A 283 19.23 -11.36 30.81
C LEU A 283 20.06 -12.36 30.01
N ASP A 284 19.39 -13.24 29.26
CA ASP A 284 20.07 -14.22 28.43
C ASP A 284 20.92 -13.52 27.38
N ALA A 285 20.43 -12.38 26.88
CA ALA A 285 21.11 -11.65 25.83
C ALA A 285 22.02 -10.56 26.40
N GLN A 286 21.77 -10.14 27.66
CA GLN A 286 22.48 -9.02 28.25
C GLN A 286 22.49 -9.17 29.78
N PRO A 287 23.27 -10.12 30.34
CA PRO A 287 23.33 -10.31 31.80
C PRO A 287 23.91 -9.10 32.52
N ASP A 288 24.72 -8.33 31.78
CA ASP A 288 25.40 -7.15 32.28
C ASP A 288 24.47 -5.95 32.45
N CYS A 289 23.17 -6.13 32.17
CA CYS A 289 22.25 -5.01 32.07
C CYS A 289 22.21 -4.22 33.38
N GLU A 290 22.56 -2.93 33.29
CA GLU A 290 22.56 -2.04 34.44
C GLU A 290 21.18 -1.40 34.61
N GLU A 291 20.52 -1.05 33.48
CA GLU A 291 19.27 -0.31 33.52
C GLU A 291 18.28 -0.86 32.50
N VAL A 292 17.02 -0.99 32.92
CA VAL A 292 15.90 -1.31 32.04
C VAL A 292 14.98 -0.10 31.98
N LEU A 293 14.90 0.54 30.79
CA LEU A 293 14.03 1.69 30.60
C LEU A 293 12.73 1.21 29.96
N VAL A 294 11.61 1.37 30.69
CA VAL A 294 10.35 0.75 30.31
C VAL A 294 9.45 1.80 29.65
N CYS A 295 8.85 1.44 28.51
CA CYS A 295 7.91 2.30 27.81
C CYS A 295 6.72 1.47 27.31
N GLY A 296 5.71 2.15 26.76
CA GLY A 296 4.47 1.49 26.37
C GLY A 296 3.53 1.35 27.56
N GLY A 297 2.30 0.90 27.28
CA GLY A 297 1.23 0.82 28.27
C GLY A 297 1.66 0.08 29.53
N GLY A 298 2.37 -1.05 29.35
CA GLY A 298 2.80 -1.89 30.46
C GLY A 298 3.67 -1.18 31.49
N ALA A 299 4.22 -0.01 31.12
CA ALA A 299 4.98 0.81 32.06
C ALA A 299 4.07 1.36 33.16
N PHE A 300 2.75 1.37 32.93
CA PHE A 300 1.80 1.82 33.94
C PHE A 300 1.42 0.68 34.88
N ASN A 301 1.54 -0.56 34.41
CA ASN A 301 1.13 -1.72 35.18
C ASN A 301 2.06 -1.86 36.40
N THR A 302 1.57 -1.39 37.56
CA THR A 302 2.35 -1.30 38.78
C THR A 302 2.89 -2.68 39.18
N ALA A 303 2.02 -3.68 39.15
CA ALA A 303 2.36 -5.04 39.56
C ALA A 303 3.46 -5.59 38.66
N LEU A 304 3.26 -5.47 37.34
CA LEU A 304 4.20 -5.99 36.36
C LEU A 304 5.58 -5.37 36.58
N MET A 305 5.60 -4.07 36.88
CA MET A 305 6.83 -3.32 37.07
C MET A 305 7.59 -3.83 38.30
N LYS A 306 6.86 -4.25 39.34
CA LYS A 306 7.49 -4.84 40.52
C LYS A 306 8.26 -6.09 40.12
N ARG A 307 7.56 -7.02 39.48
CA ARG A 307 8.07 -8.35 39.20
C ARG A 307 9.30 -8.27 38.32
N LEU A 308 9.33 -7.32 37.37
CA LEU A 308 10.50 -7.12 36.54
C LEU A 308 11.71 -6.81 37.42
N ALA A 309 11.51 -5.89 38.39
CA ALA A 309 12.57 -5.45 39.28
C ALA A 309 13.09 -6.64 40.10
N MET A 310 12.17 -7.50 40.54
CA MET A 310 12.50 -8.69 41.31
C MET A 310 13.40 -9.59 40.47
N LEU A 311 12.89 -9.97 39.29
CA LEU A 311 13.50 -11.00 38.46
C LEU A 311 14.82 -10.51 37.84
N MET A 312 15.03 -9.19 37.84
CA MET A 312 16.27 -8.61 37.36
C MET A 312 16.88 -7.78 38.48
N PRO A 313 17.49 -8.44 39.50
CA PRO A 313 17.93 -7.75 40.71
C PRO A 313 19.17 -6.87 40.48
N GLU A 314 19.96 -7.23 39.47
CA GLU A 314 21.20 -6.54 39.16
C GLU A 314 20.91 -5.19 38.50
N ALA A 315 19.76 -5.06 37.83
CA ALA A 315 19.45 -3.88 37.03
C ALA A 315 18.44 -2.97 37.72
N ARG A 316 18.55 -1.67 37.45
CA ARG A 316 17.55 -0.69 37.85
C ARG A 316 16.44 -0.64 36.81
N VAL A 317 15.20 -0.91 37.24
CA VAL A 317 14.05 -1.02 36.37
C VAL A 317 13.13 0.18 36.58
N ALA A 318 12.96 1.02 35.55
CA ALA A 318 12.19 2.26 35.69
C ALA A 318 11.55 2.67 34.36
N SER A 319 10.41 3.36 34.47
CA SER A 319 9.75 4.03 33.36
C SER A 319 10.70 5.01 32.68
N THR A 320 10.43 5.32 31.40
CA THR A 320 11.25 6.25 30.65
C THR A 320 11.00 7.68 31.11
N ASP A 321 9.91 7.88 31.87
CA ASP A 321 9.62 9.14 32.54
C ASP A 321 10.83 9.62 33.33
N GLU A 322 11.57 8.69 33.95
CA GLU A 322 12.70 9.06 34.80
C GLU A 322 13.84 9.62 33.94
N TYR A 323 13.81 9.34 32.64
CA TYR A 323 14.83 9.82 31.72
C TYR A 323 14.26 10.89 30.80
N GLY A 324 13.07 11.42 31.14
CA GLY A 324 12.55 12.63 30.52
C GLY A 324 11.69 12.38 29.28
N ILE A 325 11.14 11.17 29.15
CA ILE A 325 10.28 10.83 28.02
C ILE A 325 9.09 10.05 28.55
N PRO A 326 7.85 10.59 28.43
CA PRO A 326 6.67 9.86 28.91
C PRO A 326 6.57 8.54 28.15
N PRO A 327 6.33 7.40 28.85
CA PRO A 327 6.31 6.08 28.22
C PRO A 327 5.21 5.88 27.17
N ALA A 328 4.09 6.60 27.32
CA ALA A 328 2.97 6.44 26.41
C ALA A 328 3.33 6.94 25.01
N TRP A 329 4.33 7.82 24.89
CA TRP A 329 4.56 8.54 23.65
C TRP A 329 5.84 8.10 22.93
N MET A 330 6.52 7.08 23.45
CA MET A 330 7.80 6.69 22.91
C MET A 330 7.64 6.16 21.47
N GLU A 331 6.64 5.30 21.24
CA GLU A 331 6.46 4.69 19.94
C GLU A 331 6.10 5.73 18.88
N GLY A 332 5.23 6.69 19.22
CA GLY A 332 4.82 7.72 18.29
C GLY A 332 5.98 8.65 17.93
N MET A 333 6.76 9.01 18.95
CA MET A 333 7.96 9.80 18.75
C MET A 333 8.92 9.12 17.76
N ALA A 334 8.98 7.78 17.80
CA ALA A 334 9.86 7.02 16.95
C ALA A 334 9.41 7.09 15.49
N PHE A 335 8.09 7.10 15.26
CA PHE A 335 7.56 7.16 13.91
C PHE A 335 7.69 8.58 13.35
N ALA A 336 7.61 9.60 14.21
CA ALA A 336 8.01 10.94 13.81
C ALA A 336 9.50 11.01 13.43
N TRP A 337 10.34 10.40 14.26
CA TRP A 337 11.76 10.28 13.96
C TRP A 337 11.99 9.53 12.65
N LEU A 338 11.22 8.48 12.38
CA LEU A 338 11.46 7.72 11.15
C LEU A 338 11.16 8.59 9.92
N ALA A 339 10.24 9.54 10.05
CA ALA A 339 9.93 10.49 8.96
C ALA A 339 11.15 11.36 8.67
N HIS A 340 11.83 11.77 9.73
CA HIS A 340 13.05 12.53 9.65
C HIS A 340 14.16 11.73 8.98
N ARG A 341 14.34 10.48 9.42
CA ARG A 341 15.37 9.61 8.88
C ARG A 341 15.12 9.37 7.39
N PHE A 342 13.85 9.21 7.00
CA PHE A 342 13.52 9.01 5.60
C PHE A 342 13.93 10.24 4.79
N LEU A 343 13.62 11.44 5.29
CA LEU A 343 13.85 12.65 4.52
C LEU A 343 15.35 12.94 4.43
N GLU A 344 16.12 12.50 5.43
CA GLU A 344 17.55 12.71 5.48
C GLU A 344 18.29 11.55 4.80
N ARG A 345 17.53 10.56 4.30
CA ARG A 345 18.09 9.33 3.74
C ARG A 345 19.10 8.71 4.70
N LEU A 346 18.73 8.67 5.99
CA LEU A 346 19.45 7.88 6.97
C LEU A 346 18.70 6.57 7.23
N PRO A 347 19.43 5.45 7.46
CA PRO A 347 18.81 4.15 7.67
C PRO A 347 17.83 4.14 8.84
N GLY A 348 16.70 3.45 8.64
CA GLY A 348 15.68 3.35 9.67
C GLY A 348 15.78 2.04 10.46
N ASN A 349 16.32 0.99 9.83
CA ASN A 349 16.31 -0.32 10.46
C ASN A 349 17.65 -0.59 11.16
N CYS A 350 17.64 -1.61 12.01
CA CYS A 350 18.84 -2.18 12.59
C CYS A 350 18.95 -3.61 12.08
N PRO A 351 19.77 -3.87 11.05
CA PRO A 351 19.82 -5.19 10.41
C PRO A 351 20.07 -6.36 11.37
N ASP A 352 20.82 -6.09 12.45
CA ASP A 352 21.11 -7.11 13.46
C ASP A 352 19.86 -7.41 14.30
N VAL A 353 18.89 -6.48 14.34
CA VAL A 353 17.65 -6.72 15.04
C VAL A 353 16.67 -7.44 14.11
N THR A 354 16.52 -6.95 12.87
CA THR A 354 15.46 -7.42 12.01
C THR A 354 15.90 -8.61 11.16
N GLY A 355 17.22 -8.71 10.94
CA GLY A 355 17.76 -9.79 10.14
C GLY A 355 17.75 -9.46 8.64
N ALA A 356 17.53 -8.17 8.31
CA ALA A 356 17.62 -7.70 6.94
C ALA A 356 19.06 -7.83 6.46
N LEU A 357 19.27 -7.78 5.14
CA LEU A 357 20.59 -7.91 4.55
C LEU A 357 21.52 -6.77 4.94
N GLY A 358 20.95 -5.59 5.20
CA GLY A 358 21.73 -4.44 5.58
C GLY A 358 20.84 -3.24 5.86
N PRO A 359 21.44 -2.05 6.08
CA PRO A 359 20.69 -0.86 6.44
C PRO A 359 19.88 -0.40 5.23
N ARG A 360 18.64 0.05 5.48
CA ARG A 360 17.77 0.56 4.43
C ARG A 360 17.10 1.86 4.86
N THR A 361 16.81 2.71 3.86
CA THR A 361 15.87 3.80 4.02
C THR A 361 14.49 3.18 4.09
N LEU A 362 13.76 3.44 5.18
CA LEU A 362 12.41 2.91 5.33
C LEU A 362 11.38 3.99 5.02
N GLY A 363 10.30 3.58 4.34
CA GLY A 363 9.13 4.41 4.17
C GLY A 363 8.93 4.84 2.73
N ALA A 364 7.86 5.61 2.56
CA ALA A 364 7.49 6.18 1.29
C ALA A 364 6.95 7.58 1.53
N LEU A 365 7.20 8.49 0.58
CA LEU A 365 6.76 9.86 0.72
C LEU A 365 5.53 10.13 -0.14
N TYR A 366 4.45 10.50 0.56
CA TYR A 366 3.24 11.00 -0.06
C TYR A 366 3.17 12.51 0.19
N PRO A 367 3.59 13.36 -0.77
CA PRO A 367 3.67 14.80 -0.54
C PRO A 367 2.30 15.47 -0.60
N ALA A 368 2.12 16.48 0.26
CA ALA A 368 0.88 17.25 0.29
C ALA A 368 0.71 18.04 -1.02
N MET B 6 18.06 16.28 -18.76
CA MET B 6 17.68 15.09 -19.57
C MET B 6 17.68 13.84 -18.69
N PRO B 7 16.86 13.82 -17.61
CA PRO B 7 16.72 12.61 -16.81
C PRO B 7 16.07 11.47 -17.59
N ARG B 8 16.39 10.24 -17.19
CA ARG B 8 15.78 9.07 -17.79
C ARG B 8 14.90 8.37 -16.76
N TYR B 9 13.79 7.81 -17.24
CA TYR B 9 12.82 7.16 -16.38
C TYR B 9 12.35 5.88 -17.06
N LEU B 10 12.07 4.89 -16.22
CA LEU B 10 11.39 3.68 -16.65
C LEU B 10 9.91 3.81 -16.30
N GLY B 11 9.06 3.32 -17.22
CA GLY B 11 7.64 3.12 -17.00
C GLY B 11 7.31 1.63 -17.04
N LEU B 12 6.47 1.21 -16.10
CA LEU B 12 6.15 -0.19 -15.86
C LEU B 12 4.63 -0.35 -15.71
N MET B 13 4.08 -1.41 -16.31
CA MET B 13 2.68 -1.78 -16.10
C MET B 13 2.41 -3.16 -16.69
N SER B 14 1.31 -3.79 -16.24
CA SER B 14 0.83 -4.99 -16.91
C SER B 14 0.32 -4.61 -18.29
N GLY B 15 0.64 -5.44 -19.29
CA GLY B 15 0.28 -5.16 -20.67
C GLY B 15 -1.19 -5.49 -20.95
N THR B 16 -1.52 -5.50 -22.25
CA THR B 16 -2.90 -5.70 -22.70
C THR B 16 -3.30 -7.16 -22.48
N SER B 17 -4.55 -7.35 -22.02
CA SER B 17 -5.12 -8.68 -21.85
C SER B 17 -4.42 -9.45 -20.74
N LEU B 18 -3.61 -8.75 -19.94
CA LEU B 18 -2.85 -9.37 -18.85
C LEU B 18 -2.07 -10.56 -19.40
N ASP B 19 -1.45 -10.37 -20.57
CA ASP B 19 -0.64 -11.42 -21.17
C ASP B 19 0.84 -11.15 -20.91
N GLY B 20 1.16 -9.94 -20.45
CA GLY B 20 2.53 -9.64 -20.08
C GLY B 20 2.72 -8.24 -19.47
N MET B 21 3.98 -7.90 -19.24
CA MET B 21 4.36 -6.65 -18.59
C MET B 21 5.10 -5.81 -19.61
N ASP B 22 4.77 -4.52 -19.64
CA ASP B 22 5.47 -3.55 -20.47
C ASP B 22 6.44 -2.75 -19.62
N ILE B 23 7.63 -2.52 -20.17
CA ILE B 23 8.65 -1.69 -19.58
C ILE B 23 9.20 -0.78 -20.67
N VAL B 24 9.25 0.52 -20.39
CA VAL B 24 9.73 1.48 -21.37
C VAL B 24 10.82 2.32 -20.71
N LEU B 25 11.74 2.80 -21.52
CA LEU B 25 12.74 3.74 -21.05
C LEU B 25 12.55 5.03 -21.84
N ILE B 26 12.37 6.15 -21.12
CA ILE B 26 12.18 7.45 -21.75
C ILE B 26 13.32 8.38 -21.32
N GLU B 27 13.55 9.40 -22.14
CA GLU B 27 14.29 10.58 -21.72
C GLU B 27 13.33 11.76 -21.67
N GLN B 28 13.34 12.50 -20.55
CA GLN B 28 12.46 13.65 -20.40
C GLN B 28 13.31 14.92 -20.51
N GLY B 29 13.47 15.40 -21.74
CA GLY B 29 14.09 16.69 -21.99
C GLY B 29 13.04 17.77 -22.24
N ASP B 30 13.19 18.47 -23.36
CA ASP B 30 12.23 19.47 -23.80
C ASP B 30 10.96 18.76 -24.28
N ARG B 31 11.12 17.50 -24.73
CA ARG B 31 9.99 16.65 -25.00
C ARG B 31 10.30 15.25 -24.44
N THR B 32 9.31 14.36 -24.52
CA THR B 32 9.48 12.98 -24.12
C THR B 32 10.01 12.18 -25.32
N THR B 33 11.16 11.50 -25.13
CA THR B 33 11.73 10.60 -26.13
C THR B 33 11.71 9.16 -25.60
N LEU B 34 11.20 8.22 -26.42
CA LEU B 34 11.27 6.80 -26.12
C LEU B 34 12.64 6.25 -26.53
N LEU B 35 13.40 5.75 -25.55
CA LEU B 35 14.73 5.23 -25.81
C LEU B 35 14.66 3.73 -26.10
N ALA B 36 13.81 3.01 -25.38
CA ALA B 36 13.75 1.56 -25.44
C ALA B 36 12.46 1.03 -24.83
N SER B 37 12.10 -0.18 -25.27
CA SER B 37 10.88 -0.86 -24.88
C SER B 37 11.22 -2.32 -24.63
N HIS B 38 10.45 -2.96 -23.75
CA HIS B 38 10.68 -4.34 -23.37
C HIS B 38 9.34 -4.94 -22.96
N TYR B 39 9.11 -6.17 -23.41
CA TYR B 39 7.87 -6.89 -23.12
C TYR B 39 8.25 -8.24 -22.50
N LEU B 40 7.63 -8.55 -21.35
CA LEU B 40 7.80 -9.85 -20.73
C LEU B 40 6.43 -10.52 -20.68
N PRO B 41 6.32 -11.80 -21.07
CA PRO B 41 5.08 -12.54 -20.90
C PRO B 41 4.75 -12.71 -19.42
N MET B 42 3.46 -12.71 -19.15
CA MET B 42 2.93 -12.94 -17.83
C MET B 42 2.55 -14.42 -17.75
N PRO B 43 3.07 -15.22 -16.80
CA PRO B 43 2.60 -16.59 -16.63
C PRO B 43 1.07 -16.65 -16.51
N ALA B 44 0.48 -17.73 -17.05
CA ALA B 44 -0.96 -17.92 -16.98
C ALA B 44 -1.48 -17.97 -15.54
N GLY B 45 -0.73 -18.64 -14.66
CA GLY B 45 -1.05 -18.68 -13.24
C GLY B 45 -1.23 -17.27 -12.67
N LEU B 46 -0.26 -16.39 -12.98
CA LEU B 46 -0.24 -15.05 -12.42
C LEU B 46 -1.44 -14.26 -12.96
N ARG B 47 -1.69 -14.38 -14.26
CA ARG B 47 -2.78 -13.68 -14.90
C ARG B 47 -4.11 -14.07 -14.25
N GLU B 48 -4.32 -15.38 -14.10
CA GLU B 48 -5.56 -15.90 -13.51
C GLU B 48 -5.64 -15.51 -12.03
N ASP B 49 -4.51 -15.44 -11.33
CA ASP B 49 -4.52 -15.12 -9.92
C ASP B 49 -4.87 -13.65 -9.74
N ILE B 50 -4.43 -12.79 -10.68
CA ILE B 50 -4.79 -11.38 -10.64
C ILE B 50 -6.29 -11.23 -10.91
N LEU B 51 -6.79 -11.91 -11.95
CA LEU B 51 -8.21 -11.87 -12.27
C LEU B 51 -9.04 -12.41 -11.09
N ALA B 52 -8.55 -13.41 -10.35
CA ALA B 52 -9.30 -13.95 -9.22
C ALA B 52 -9.37 -12.96 -8.06
N LEU B 53 -8.53 -11.91 -8.08
CA LEU B 53 -8.57 -10.86 -7.07
C LEU B 53 -9.40 -9.65 -7.51
N CYS B 54 -9.88 -9.63 -8.77
CA CYS B 54 -10.61 -8.48 -9.28
C CYS B 54 -12.09 -8.56 -8.90
N VAL B 55 -12.52 -9.67 -8.27
CA VAL B 55 -13.86 -9.78 -7.73
C VAL B 55 -13.74 -10.16 -6.26
N PRO B 56 -14.74 -9.84 -5.41
CA PRO B 56 -14.64 -10.14 -3.98
C PRO B 56 -14.51 -11.63 -3.71
N GLY B 57 -13.65 -11.96 -2.76
CA GLY B 57 -13.38 -13.36 -2.47
C GLY B 57 -12.74 -13.51 -1.10
N PRO B 58 -12.39 -14.76 -0.73
CA PRO B 58 -11.77 -15.02 0.57
C PRO B 58 -10.26 -14.76 0.58
N ASP B 59 -9.77 -14.39 1.76
CA ASP B 59 -8.35 -14.41 2.08
C ASP B 59 -7.58 -13.51 1.13
N GLU B 60 -8.17 -12.36 0.81
CA GLU B 60 -7.63 -11.49 -0.22
C GLU B 60 -6.31 -10.88 0.20
N ILE B 61 -6.17 -10.53 1.49
CA ILE B 61 -5.02 -9.76 1.93
C ILE B 61 -3.75 -10.60 1.77
N ALA B 62 -3.81 -11.87 2.20
CA ALA B 62 -2.75 -12.86 2.03
C ALA B 62 -2.56 -13.23 0.57
N ARG B 63 -3.65 -13.45 -0.17
CA ARG B 63 -3.58 -13.78 -1.58
C ARG B 63 -2.93 -12.63 -2.37
N ALA B 64 -3.35 -11.39 -2.09
CA ALA B 64 -2.84 -10.20 -2.78
C ALA B 64 -1.34 -9.99 -2.50
N ALA B 65 -0.90 -10.30 -1.27
CA ALA B 65 0.48 -10.12 -0.88
C ALA B 65 1.35 -11.06 -1.71
N GLU B 66 0.89 -12.30 -1.87
CA GLU B 66 1.65 -13.31 -2.59
C GLU B 66 1.64 -13.05 -4.10
N VAL B 67 0.51 -12.55 -4.63
CA VAL B 67 0.44 -12.26 -6.06
C VAL B 67 1.37 -11.10 -6.41
N GLU B 68 1.39 -10.06 -5.57
CA GLU B 68 2.16 -8.87 -5.85
C GLU B 68 3.66 -9.16 -5.73
N GLN B 69 4.07 -10.10 -4.86
CA GLN B 69 5.46 -10.57 -4.80
C GLN B 69 5.89 -11.15 -6.15
N ARG B 70 5.00 -11.92 -6.77
CA ARG B 70 5.25 -12.54 -8.07
C ARG B 70 5.25 -11.45 -9.16
N TRP B 71 4.29 -10.52 -9.10
CA TRP B 71 4.24 -9.44 -10.08
C TRP B 71 5.50 -8.56 -10.02
N VAL B 72 5.96 -8.26 -8.80
CA VAL B 72 7.11 -7.35 -8.64
C VAL B 72 8.39 -8.07 -9.10
N ALA B 73 8.50 -9.37 -8.81
CA ALA B 73 9.64 -10.18 -9.24
C ALA B 73 9.74 -10.15 -10.76
N LEU B 74 8.59 -10.20 -11.44
CA LEU B 74 8.57 -10.19 -12.89
C LEU B 74 8.99 -8.83 -13.45
N ALA B 75 8.41 -7.75 -12.90
CA ALA B 75 8.75 -6.39 -13.29
C ALA B 75 10.26 -6.16 -13.16
N ALA B 76 10.84 -6.55 -12.02
CA ALA B 76 12.25 -6.35 -11.74
C ALA B 76 13.13 -7.19 -12.68
N GLN B 77 12.69 -8.42 -12.97
CA GLN B 77 13.33 -9.26 -13.96
C GLN B 77 13.38 -8.55 -15.31
N GLY B 78 12.25 -7.95 -15.73
CA GLY B 78 12.21 -7.21 -16.99
C GLY B 78 13.11 -5.95 -17.01
N VAL B 79 13.10 -5.19 -15.92
CA VAL B 79 13.96 -4.03 -15.76
C VAL B 79 15.43 -4.42 -15.95
N ARG B 80 15.83 -5.52 -15.27
CA ARG B 80 17.21 -5.99 -15.31
C ARG B 80 17.57 -6.36 -16.74
N GLU B 81 16.69 -7.14 -17.39
CA GLU B 81 16.89 -7.57 -18.76
C GLU B 81 17.10 -6.37 -19.67
N LEU B 82 16.21 -5.37 -19.55
CA LEU B 82 16.23 -4.22 -20.42
C LEU B 82 17.53 -3.45 -20.24
N LEU B 83 17.97 -3.26 -19.00
CA LEU B 83 19.10 -2.40 -18.73
C LEU B 83 20.38 -3.06 -19.22
N LEU B 84 20.51 -4.38 -19.00
CA LEU B 84 21.68 -5.10 -19.51
C LEU B 84 21.69 -5.04 -21.03
N GLN B 85 20.53 -5.28 -21.66
CA GLN B 85 20.42 -5.32 -23.11
C GLN B 85 20.79 -3.96 -23.71
N GLN B 86 20.51 -2.88 -22.97
CA GLN B 86 20.81 -1.53 -23.42
C GLN B 86 22.17 -1.04 -22.92
N GLN B 87 22.98 -1.92 -22.30
CA GLN B 87 24.25 -1.55 -21.68
C GLN B 87 24.12 -0.30 -20.80
N MET B 88 23.12 -0.32 -19.91
CA MET B 88 22.91 0.77 -18.96
C MET B 88 23.03 0.26 -17.54
N SER B 89 23.56 1.13 -16.67
CA SER B 89 23.53 0.93 -15.23
C SER B 89 22.19 1.44 -14.69
N PRO B 90 21.64 0.85 -13.60
CA PRO B 90 20.47 1.39 -12.91
C PRO B 90 20.65 2.83 -12.41
N ASP B 91 21.90 3.21 -12.14
CA ASP B 91 22.25 4.53 -11.65
C ASP B 91 22.00 5.58 -12.72
N GLU B 92 21.83 5.14 -13.98
CA GLU B 92 21.52 6.05 -15.07
C GLU B 92 20.03 6.40 -15.12
N VAL B 93 19.19 5.69 -14.34
CA VAL B 93 17.76 5.90 -14.36
C VAL B 93 17.36 6.68 -13.12
N ARG B 94 16.65 7.80 -13.31
CA ARG B 94 16.23 8.64 -12.19
C ARG B 94 15.21 7.91 -11.32
N ALA B 95 14.16 7.37 -11.95
CA ALA B 95 13.13 6.63 -11.23
C ALA B 95 12.36 5.70 -12.16
N ILE B 96 11.72 4.70 -11.56
CA ILE B 96 10.67 3.91 -12.20
C ILE B 96 9.32 4.51 -11.80
N GLY B 97 8.49 4.82 -12.78
CA GLY B 97 7.06 5.04 -12.55
C GLY B 97 6.29 3.74 -12.71
N SER B 98 5.77 3.20 -11.59
CA SER B 98 5.05 1.93 -11.60
C SER B 98 3.55 2.17 -11.53
N HIS B 99 2.83 1.71 -12.56
CA HIS B 99 1.38 1.72 -12.67
C HIS B 99 0.76 0.73 -11.68
N GLY B 100 1.58 -0.25 -11.23
CA GLY B 100 1.10 -1.36 -10.43
C GLY B 100 0.07 -2.18 -11.20
N GLN B 101 -0.71 -2.98 -10.46
CA GLN B 101 -1.78 -3.79 -11.05
C GLN B 101 -3.06 -3.54 -10.27
N THR B 102 -4.08 -2.99 -10.93
CA THR B 102 -5.35 -2.67 -10.32
C THR B 102 -6.12 -3.98 -10.09
N ILE B 103 -6.58 -4.23 -8.87
CA ILE B 103 -7.44 -5.38 -8.61
C ILE B 103 -8.84 -4.90 -8.21
N ARG B 104 -9.02 -3.60 -7.94
CA ARG B 104 -10.33 -3.12 -7.53
C ARG B 104 -10.39 -1.60 -7.66
N HIS B 105 -11.39 -1.12 -8.39
CA HIS B 105 -11.50 0.31 -8.69
C HIS B 105 -12.94 0.74 -8.48
N GLU B 106 -13.19 1.36 -7.32
CA GLU B 106 -14.53 1.72 -6.90
C GLU B 106 -14.55 3.17 -6.41
N PRO B 107 -14.31 4.16 -7.31
CA PRO B 107 -14.37 5.57 -6.93
C PRO B 107 -15.71 5.98 -6.32
N ALA B 108 -16.79 5.28 -6.69
CA ALA B 108 -18.10 5.42 -6.05
C ALA B 108 -18.00 5.17 -4.54
N ARG B 109 -17.13 4.24 -4.14
CA ARG B 109 -16.89 3.92 -2.74
C ARG B 109 -15.59 4.57 -2.27
N HIS B 110 -15.05 5.50 -3.08
CA HIS B 110 -13.90 6.31 -2.72
C HIS B 110 -12.63 5.47 -2.54
N PHE B 111 -12.50 4.35 -3.26
CA PHE B 111 -11.23 3.64 -3.20
C PHE B 111 -10.82 3.11 -4.56
N THR B 112 -9.51 2.90 -4.69
CA THR B 112 -8.90 2.24 -5.82
C THR B 112 -7.68 1.51 -5.27
N VAL B 113 -7.50 0.26 -5.73
CA VAL B 113 -6.51 -0.65 -5.18
C VAL B 113 -5.64 -1.16 -6.31
N GLN B 114 -4.37 -0.72 -6.32
CA GLN B 114 -3.34 -1.21 -7.20
C GLN B 114 -2.27 -1.87 -6.33
N ILE B 115 -1.93 -3.12 -6.61
CA ILE B 115 -0.92 -3.83 -5.85
C ILE B 115 0.41 -3.68 -6.60
N GLY B 116 1.52 -4.08 -5.97
CA GLY B 116 2.82 -3.98 -6.62
C GLY B 116 3.97 -3.58 -5.69
N ASN B 117 3.85 -3.90 -4.40
CA ASN B 117 4.88 -3.70 -3.38
C ASN B 117 6.03 -2.88 -3.96
N PRO B 118 5.88 -1.53 -3.94
CA PRO B 118 6.92 -0.65 -4.47
C PRO B 118 8.27 -0.73 -3.75
N ALA B 119 8.26 -1.03 -2.45
CA ALA B 119 9.50 -1.16 -1.68
C ALA B 119 10.28 -2.40 -2.13
N LEU B 120 9.58 -3.47 -2.50
CA LEU B 120 10.25 -4.68 -2.99
C LEU B 120 10.88 -4.38 -4.34
N LEU B 121 10.17 -3.59 -5.15
CA LEU B 121 10.64 -3.19 -6.46
C LEU B 121 11.91 -2.34 -6.35
N ALA B 122 11.90 -1.34 -5.44
CA ALA B 122 13.07 -0.56 -5.11
C ALA B 122 14.24 -1.46 -4.67
N GLU B 123 13.94 -2.39 -3.76
CA GLU B 123 14.93 -3.34 -3.28
C GLU B 123 15.55 -4.14 -4.44
N LEU B 124 14.71 -4.68 -5.34
CA LEU B 124 15.18 -5.59 -6.37
C LEU B 124 15.88 -4.85 -7.52
N THR B 125 15.40 -3.64 -7.89
CA THR B 125 15.97 -2.91 -9.02
C THR B 125 17.12 -1.99 -8.61
N GLY B 126 17.14 -1.55 -7.34
CA GLY B 126 18.08 -0.54 -6.91
C GLY B 126 17.77 0.83 -7.50
N ILE B 127 16.53 1.03 -7.98
CA ILE B 127 16.13 2.29 -8.55
C ILE B 127 14.95 2.82 -7.73
N ASP B 128 14.92 4.13 -7.51
CA ASP B 128 13.81 4.76 -6.83
C ASP B 128 12.52 4.41 -7.57
N VAL B 129 11.46 4.17 -6.81
CA VAL B 129 10.17 3.82 -7.35
C VAL B 129 9.18 4.91 -6.96
N VAL B 130 8.45 5.41 -7.95
CA VAL B 130 7.27 6.21 -7.70
C VAL B 130 6.07 5.41 -8.14
N ALA B 131 5.10 5.25 -7.22
CA ALA B 131 3.94 4.41 -7.43
C ALA B 131 2.72 5.01 -6.71
N ASP B 132 1.60 4.29 -6.81
CA ASP B 132 0.35 4.63 -6.12
C ASP B 132 -0.16 5.99 -6.60
N PHE B 133 -0.26 6.16 -7.93
CA PHE B 133 -0.61 7.42 -8.56
C PHE B 133 -2.09 7.80 -8.43
N ARG B 134 -3.00 6.82 -8.36
CA ARG B 134 -4.43 7.09 -8.46
C ARG B 134 -5.01 7.57 -7.14
N ARG B 135 -4.42 7.18 -6.00
CA ARG B 135 -5.12 7.32 -4.72
C ARG B 135 -5.23 8.80 -4.31
N ARG B 136 -4.26 9.66 -4.63
CA ARG B 136 -4.41 11.06 -4.24
C ARG B 136 -5.55 11.73 -5.01
N ASP B 137 -5.71 11.39 -6.28
CA ASP B 137 -6.79 11.96 -7.09
C ASP B 137 -8.13 11.53 -6.49
N VAL B 138 -8.21 10.28 -6.02
CA VAL B 138 -9.43 9.74 -5.45
C VAL B 138 -9.66 10.36 -4.07
N ALA B 139 -8.56 10.59 -3.33
CA ALA B 139 -8.64 11.28 -2.05
C ALA B 139 -9.23 12.69 -2.22
N ALA B 140 -8.99 13.31 -3.38
CA ALA B 140 -9.46 14.66 -3.64
C ALA B 140 -10.83 14.65 -4.35
N GLY B 141 -11.54 13.51 -4.28
CA GLY B 141 -12.90 13.41 -4.79
C GLY B 141 -12.94 13.04 -6.27
N GLY B 142 -11.77 12.85 -6.90
CA GLY B 142 -11.68 12.43 -8.28
C GLY B 142 -11.95 10.93 -8.46
N GLN B 143 -12.00 10.50 -9.72
CA GLN B 143 -12.25 9.11 -10.08
C GLN B 143 -10.97 8.29 -10.06
N GLY B 144 -9.81 8.97 -10.02
CA GLY B 144 -8.51 8.29 -10.04
C GLY B 144 -8.09 7.85 -11.44
N ALA B 145 -8.86 8.26 -12.46
CA ALA B 145 -8.65 7.80 -13.82
C ALA B 145 -9.53 8.64 -14.76
N PRO B 146 -9.16 8.81 -16.05
CA PRO B 146 -7.85 8.41 -16.57
C PRO B 146 -6.76 9.40 -16.22
N LEU B 147 -5.49 8.93 -16.17
CA LEU B 147 -4.37 9.74 -15.74
C LEU B 147 -3.50 10.16 -16.92
N VAL B 148 -3.81 9.66 -18.13
CA VAL B 148 -2.96 9.91 -19.28
C VAL B 148 -3.30 11.22 -19.99
N PRO B 149 -4.49 11.85 -19.82
CA PRO B 149 -4.78 13.11 -20.52
C PRO B 149 -3.65 14.12 -20.50
N ALA B 150 -3.07 14.36 -19.32
CA ALA B 150 -2.01 15.35 -19.17
C ALA B 150 -0.80 14.96 -20.00
N PHE B 151 -0.49 13.66 -20.02
CA PHE B 151 0.61 13.18 -20.85
C PHE B 151 0.32 13.43 -22.32
N HIS B 152 -0.89 13.04 -22.76
CA HIS B 152 -1.32 13.20 -24.14
C HIS B 152 -1.20 14.65 -24.60
N GLN B 153 -1.59 15.59 -23.73
CA GLN B 153 -1.49 17.01 -24.02
C GLN B 153 -0.03 17.38 -24.24
N ALA B 154 0.82 16.99 -23.28
CA ALA B 154 2.25 17.28 -23.32
C ALA B 154 2.87 16.69 -24.59
N LEU B 155 2.44 15.48 -24.97
CA LEU B 155 2.99 14.80 -26.13
C LEU B 155 2.51 15.44 -27.42
N PHE B 156 1.20 15.40 -27.67
CA PHE B 156 0.65 15.64 -29.00
C PHE B 156 -0.14 16.94 -29.04
N GLY B 157 0.08 17.84 -28.07
CA GLY B 157 -0.51 19.16 -28.11
C GLY B 157 -0.04 19.95 -29.33
N ASP B 158 -1.00 20.48 -30.09
CA ASP B 158 -0.71 21.20 -31.32
C ASP B 158 -1.67 22.37 -31.47
N ASP B 159 -1.15 23.53 -31.90
CA ASP B 159 -1.91 24.76 -31.97
C ASP B 159 -2.75 24.82 -33.23
N ASP B 160 -2.36 24.05 -34.25
CA ASP B 160 -3.00 24.13 -35.56
C ASP B 160 -4.03 23.03 -35.73
N THR B 161 -3.83 21.89 -35.05
CA THR B 161 -4.62 20.70 -35.30
C THR B 161 -5.50 20.37 -34.08
N SER B 162 -6.76 20.02 -34.36
CA SER B 162 -7.67 19.51 -33.36
C SER B 162 -7.59 17.98 -33.34
N ARG B 163 -7.02 17.44 -32.26
CA ARG B 163 -6.69 16.03 -32.18
C ARG B 163 -7.55 15.33 -31.13
N ALA B 164 -7.78 14.03 -31.35
CA ALA B 164 -8.29 13.14 -30.31
C ALA B 164 -7.31 11.97 -30.17
N VAL B 165 -6.74 11.83 -28.97
CA VAL B 165 -5.86 10.70 -28.67
C VAL B 165 -6.71 9.64 -27.98
N LEU B 166 -6.93 8.52 -28.67
CA LEU B 166 -7.84 7.49 -28.22
C LEU B 166 -7.06 6.25 -27.78
N ASN B 167 -7.21 5.87 -26.51
CA ASN B 167 -6.66 4.62 -26.00
C ASN B 167 -7.76 3.58 -25.95
N ILE B 168 -7.54 2.46 -26.63
CA ILE B 168 -8.50 1.37 -26.63
C ILE B 168 -7.88 0.20 -25.86
N GLY B 169 -8.08 0.21 -24.54
CA GLY B 169 -7.77 -0.94 -23.71
C GLY B 169 -9.03 -1.77 -23.48
N GLY B 170 -9.26 -2.20 -22.24
CA GLY B 170 -10.56 -2.72 -21.85
C GLY B 170 -11.65 -1.76 -22.29
N PHE B 171 -11.55 -0.52 -21.81
CA PHE B 171 -12.48 0.55 -22.17
C PHE B 171 -11.76 1.55 -23.08
N SER B 172 -12.55 2.42 -23.72
CA SER B 172 -12.06 3.37 -24.70
C SER B 172 -12.14 4.79 -24.12
N ASN B 173 -11.00 5.30 -23.61
CA ASN B 173 -10.95 6.65 -23.09
C ASN B 173 -10.30 7.54 -24.15
N VAL B 174 -10.75 8.80 -24.25
CA VAL B 174 -10.20 9.70 -25.26
C VAL B 174 -9.72 10.99 -24.60
N SER B 175 -8.69 11.59 -25.22
CA SER B 175 -8.21 12.90 -24.84
C SER B 175 -8.45 13.86 -26.00
N LEU B 176 -9.31 14.85 -25.76
CA LEU B 176 -9.69 15.82 -26.78
C LEU B 176 -8.73 17.00 -26.71
N LEU B 177 -7.88 17.12 -27.75
CA LEU B 177 -6.89 18.18 -27.82
C LEU B 177 -7.35 19.22 -28.85
N SER B 178 -7.91 20.32 -28.35
CA SER B 178 -8.37 21.41 -29.20
C SER B 178 -7.50 22.65 -28.95
N PRO B 179 -6.93 23.28 -30.01
CA PRO B 179 -6.11 24.48 -29.84
C PRO B 179 -6.84 25.57 -29.04
N GLY B 180 -6.10 26.21 -28.13
CA GLY B 180 -6.64 27.31 -27.34
C GLY B 180 -7.42 26.84 -26.11
N LYS B 181 -7.87 25.58 -26.09
CA LYS B 181 -8.79 25.10 -25.07
C LYS B 181 -8.05 24.24 -24.06
N PRO B 182 -8.56 24.10 -22.81
CA PRO B 182 -8.07 23.10 -21.89
C PRO B 182 -8.48 21.70 -22.36
N VAL B 183 -7.69 20.69 -21.99
CA VAL B 183 -7.92 19.34 -22.46
C VAL B 183 -9.18 18.81 -21.79
N ARG B 184 -9.92 17.99 -22.56
CA ARG B 184 -11.10 17.30 -22.06
C ARG B 184 -10.85 15.80 -22.22
N GLY B 185 -11.65 14.99 -21.52
CA GLY B 185 -11.58 13.55 -21.66
C GLY B 185 -12.81 12.85 -21.08
N PHE B 186 -13.06 11.63 -21.57
CA PHE B 186 -14.14 10.79 -21.07
C PHE B 186 -13.99 9.38 -21.67
N ASP B 187 -14.79 8.44 -21.16
CA ASP B 187 -14.82 7.06 -21.64
C ASP B 187 -15.91 6.92 -22.70
N CYS B 188 -15.54 6.33 -23.86
CA CYS B 188 -16.44 6.17 -24.98
C CYS B 188 -17.14 4.82 -24.95
N GLY B 189 -17.18 4.18 -23.78
CA GLY B 189 -17.72 2.84 -23.66
C GLY B 189 -16.66 1.78 -23.91
N PRO B 190 -17.03 0.54 -24.29
CA PRO B 190 -16.09 -0.56 -24.32
C PRO B 190 -15.07 -0.44 -25.44
N GLY B 191 -13.82 -0.81 -25.12
CA GLY B 191 -12.80 -1.06 -26.11
C GLY B 191 -12.75 -2.55 -26.44
N ASN B 192 -11.85 -3.26 -25.77
CA ASN B 192 -11.63 -4.69 -26.01
C ASN B 192 -12.35 -5.55 -24.99
N VAL B 193 -12.94 -4.94 -23.95
CA VAL B 193 -13.39 -5.68 -22.78
C VAL B 193 -14.37 -6.78 -23.16
N LEU B 194 -15.38 -6.46 -23.98
CA LEU B 194 -16.40 -7.43 -24.34
C LEU B 194 -15.85 -8.43 -25.35
N MET B 195 -15.05 -7.94 -26.30
CA MET B 195 -14.51 -8.77 -27.36
C MET B 195 -13.55 -9.82 -26.79
N ASP B 196 -12.78 -9.42 -25.77
CA ASP B 196 -11.91 -10.36 -25.06
C ASP B 196 -12.77 -11.34 -24.27
N ALA B 197 -13.77 -10.83 -23.57
CA ALA B 197 -14.60 -11.63 -22.68
C ALA B 197 -15.35 -12.73 -23.43
N TRP B 198 -15.73 -12.46 -24.69
CA TRP B 198 -16.56 -13.37 -25.47
C TRP B 198 -15.73 -14.53 -26.01
N ILE B 199 -14.58 -14.21 -26.60
CA ILE B 199 -13.71 -15.26 -27.15
C ILE B 199 -13.13 -16.09 -26.01
N HIS B 200 -12.94 -15.46 -24.84
CA HIS B 200 -12.49 -16.16 -23.65
C HIS B 200 -13.54 -17.19 -23.23
N HIS B 201 -14.78 -16.73 -23.05
CA HIS B 201 -15.87 -17.62 -22.65
C HIS B 201 -16.01 -18.75 -23.66
N GLN B 202 -15.92 -18.42 -24.95
CA GLN B 202 -16.27 -19.33 -26.02
C GLN B 202 -15.16 -20.36 -26.24
N ARG B 203 -13.91 -19.88 -26.32
CA ARG B 203 -12.80 -20.67 -26.81
C ARG B 203 -11.61 -20.68 -25.84
N GLY B 204 -11.70 -19.92 -24.73
CA GLY B 204 -10.62 -19.85 -23.76
C GLY B 204 -9.38 -19.12 -24.29
N GLU B 205 -9.54 -18.30 -25.34
CA GLU B 205 -8.49 -17.41 -25.78
C GLU B 205 -8.58 -16.13 -24.95
N HIS B 206 -7.45 -15.44 -24.81
CA HIS B 206 -7.39 -14.23 -24.01
C HIS B 206 -7.93 -13.05 -24.80
N PHE B 207 -7.68 -13.04 -26.11
CA PHE B 207 -8.15 -11.95 -26.96
C PHE B 207 -8.30 -12.43 -28.40
N ASP B 208 -9.01 -11.62 -29.20
CA ASP B 208 -9.30 -11.89 -30.59
C ASP B 208 -8.25 -11.17 -31.45
N ARG B 209 -7.20 -11.91 -31.84
CA ARG B 209 -6.01 -11.31 -32.41
C ARG B 209 -6.34 -10.69 -33.77
N ASP B 210 -6.04 -9.40 -33.91
CA ASP B 210 -6.23 -8.64 -35.13
C ASP B 210 -7.72 -8.59 -35.50
N GLY B 211 -8.60 -8.70 -34.50
CA GLY B 211 -10.03 -8.86 -34.70
C GLY B 211 -10.37 -9.81 -35.86
N ALA B 212 -9.61 -10.90 -35.98
CA ALA B 212 -9.75 -11.84 -37.08
C ALA B 212 -11.10 -12.55 -36.99
N TRP B 213 -11.43 -13.02 -35.78
CA TRP B 213 -12.65 -13.78 -35.54
C TRP B 213 -13.87 -12.88 -35.75
N ALA B 214 -13.79 -11.64 -35.27
CA ALA B 214 -14.84 -10.65 -35.47
C ALA B 214 -15.08 -10.44 -36.97
N ALA B 215 -13.97 -10.36 -37.73
CA ALA B 215 -14.02 -10.04 -39.15
C ALA B 215 -14.57 -11.20 -39.97
N SER B 216 -14.60 -12.41 -39.39
CA SER B 216 -15.18 -13.57 -40.06
C SER B 216 -16.70 -13.57 -39.90
N GLY B 217 -17.20 -12.85 -38.89
CA GLY B 217 -18.62 -12.86 -38.56
C GLY B 217 -19.39 -11.72 -39.23
N GLN B 218 -20.71 -11.69 -38.98
CA GLN B 218 -21.61 -10.68 -39.53
C GLN B 218 -22.32 -9.94 -38.39
N VAL B 219 -22.46 -8.62 -38.55
CA VAL B 219 -23.11 -7.78 -37.54
C VAL B 219 -24.60 -8.13 -37.49
N ASN B 220 -25.17 -8.04 -36.27
CA ASN B 220 -26.59 -8.25 -36.05
C ASN B 220 -27.20 -6.93 -35.58
N HIS B 221 -28.18 -6.42 -36.35
CA HIS B 221 -28.79 -5.13 -36.09
C HIS B 221 -29.60 -5.17 -34.79
N ALA B 222 -30.42 -6.22 -34.63
CA ALA B 222 -31.30 -6.35 -33.48
C ALA B 222 -30.50 -6.33 -32.19
N LEU B 223 -29.33 -6.99 -32.21
CA LEU B 223 -28.43 -7.03 -31.08
C LEU B 223 -27.74 -5.68 -30.92
N LEU B 224 -27.10 -5.20 -32.00
CA LEU B 224 -26.33 -3.97 -31.98
C LEU B 224 -27.19 -2.84 -31.41
N ALA B 225 -28.43 -2.74 -31.86
CA ALA B 225 -29.36 -1.69 -31.43
C ALA B 225 -29.70 -1.89 -29.95
N SER B 226 -29.92 -3.14 -29.54
CA SER B 226 -30.20 -3.48 -28.16
C SER B 226 -29.04 -3.05 -27.26
N LEU B 227 -27.81 -3.26 -27.73
CA LEU B 227 -26.61 -2.92 -26.97
C LEU B 227 -26.44 -1.41 -26.88
N LEU B 228 -26.56 -0.73 -28.04
CA LEU B 228 -26.39 0.72 -28.10
C LEU B 228 -27.52 1.44 -27.37
N ALA B 229 -28.60 0.73 -27.05
CA ALA B 229 -29.72 1.32 -26.32
C ALA B 229 -29.41 1.49 -24.83
N ASP B 230 -28.17 1.20 -24.42
CA ASP B 230 -27.77 1.37 -23.02
C ASP B 230 -27.62 2.86 -22.73
N GLU B 231 -28.05 3.27 -21.53
CA GLU B 231 -28.20 4.67 -21.19
C GLU B 231 -26.84 5.30 -20.88
N PHE B 232 -25.80 4.47 -20.73
CA PHE B 232 -24.42 4.94 -20.75
C PHE B 232 -24.19 5.72 -22.05
N PHE B 233 -24.75 5.21 -23.15
CA PHE B 233 -24.69 5.88 -24.44
C PHE B 233 -25.77 6.97 -24.49
N PHE B 246 -20.63 -3.18 -18.43
CA PHE B 246 -20.02 -3.86 -19.60
C PHE B 246 -19.19 -5.05 -19.12
N ASN B 247 -19.81 -6.24 -19.19
CA ASN B 247 -19.21 -7.48 -18.70
C ASN B 247 -19.94 -8.64 -19.37
N LEU B 248 -19.51 -9.88 -19.07
CA LEU B 248 -20.05 -11.05 -19.75
C LEU B 248 -21.50 -11.30 -19.35
N PRO B 249 -21.87 -11.29 -18.05
CA PRO B 249 -23.27 -11.50 -17.66
C PRO B 249 -24.24 -10.52 -18.32
N TRP B 250 -23.79 -9.27 -18.45
CA TRP B 250 -24.57 -8.21 -19.08
C TRP B 250 -24.86 -8.55 -20.54
N LEU B 251 -23.86 -9.11 -21.23
CA LEU B 251 -23.98 -9.50 -22.62
C LEU B 251 -24.94 -10.69 -22.76
N GLN B 252 -24.83 -11.67 -21.84
CA GLN B 252 -25.60 -12.90 -21.95
C GLN B 252 -27.07 -12.60 -21.66
N GLU B 253 -27.34 -11.57 -20.87
CA GLU B 253 -28.70 -11.12 -20.60
C GLU B 253 -29.32 -10.61 -21.90
N HIS B 254 -28.56 -9.79 -22.65
CA HIS B 254 -29.00 -9.25 -23.92
C HIS B 254 -29.14 -10.36 -24.96
N LEU B 255 -28.25 -11.36 -24.91
CA LEU B 255 -28.27 -12.48 -25.85
C LEU B 255 -29.53 -13.31 -25.68
N ALA B 256 -29.95 -13.50 -24.43
CA ALA B 256 -31.03 -14.43 -24.09
C ALA B 256 -32.39 -13.90 -24.57
N ARG B 257 -32.50 -12.58 -24.74
CA ARG B 257 -33.72 -11.96 -25.26
C ARG B 257 -33.97 -12.46 -26.69
N HIS B 258 -33.00 -12.21 -27.57
CA HIS B 258 -33.11 -12.52 -28.98
C HIS B 258 -32.78 -14.00 -29.17
N PRO B 259 -32.93 -14.58 -30.39
CA PRO B 259 -32.70 -16.02 -30.60
C PRO B 259 -31.23 -16.35 -30.80
N ALA B 260 -30.93 -17.66 -30.82
CA ALA B 260 -29.58 -18.17 -30.99
C ALA B 260 -28.91 -17.52 -32.20
N LEU B 261 -27.65 -17.10 -32.03
CA LEU B 261 -26.91 -16.38 -33.05
C LEU B 261 -25.48 -16.93 -33.10
N PRO B 262 -24.87 -17.08 -34.31
CA PRO B 262 -23.50 -17.57 -34.41
C PRO B 262 -22.52 -16.75 -33.58
N ALA B 263 -21.56 -17.43 -32.95
CA ALA B 263 -20.62 -16.81 -32.03
C ALA B 263 -19.84 -15.71 -32.75
N ALA B 264 -19.38 -16.02 -33.97
CA ALA B 264 -18.62 -15.09 -34.79
C ALA B 264 -19.42 -13.82 -35.06
N ASP B 265 -20.74 -13.94 -35.15
CA ASP B 265 -21.62 -12.81 -35.40
C ASP B 265 -21.73 -11.93 -34.16
N ILE B 266 -21.81 -12.54 -32.98
CA ILE B 266 -21.80 -11.78 -31.73
C ILE B 266 -20.46 -11.04 -31.64
N GLN B 267 -19.36 -11.72 -31.94
CA GLN B 267 -18.04 -11.11 -31.91
C GLN B 267 -17.98 -9.95 -32.91
N ALA B 268 -18.58 -10.15 -34.10
CA ALA B 268 -18.68 -9.09 -35.10
C ALA B 268 -19.50 -7.92 -34.53
N THR B 269 -20.62 -8.24 -33.88
CA THR B 269 -21.51 -7.23 -33.32
C THR B 269 -20.77 -6.43 -32.25
N LEU B 270 -20.05 -7.15 -31.37
CA LEU B 270 -19.30 -6.54 -30.29
C LEU B 270 -18.30 -5.54 -30.86
N LEU B 271 -17.66 -5.88 -31.98
CA LEU B 271 -16.67 -5.00 -32.59
C LEU B 271 -17.32 -3.70 -33.06
N GLU B 272 -18.55 -3.78 -33.56
CA GLU B 272 -19.22 -2.62 -34.14
C GLU B 272 -19.72 -1.71 -33.03
N LEU B 273 -20.16 -2.30 -31.92
CA LEU B 273 -20.55 -1.56 -30.73
C LEU B 273 -19.43 -0.63 -30.27
N SER B 274 -18.19 -1.12 -30.31
CA SER B 274 -17.04 -0.34 -29.86
C SER B 274 -16.76 0.78 -30.85
N ALA B 275 -16.85 0.48 -32.15
CA ALA B 275 -16.56 1.44 -33.19
C ALA B 275 -17.56 2.60 -33.13
N ARG B 276 -18.84 2.27 -33.00
CA ARG B 276 -19.92 3.24 -33.06
C ARG B 276 -19.88 4.16 -31.84
N SER B 277 -19.72 3.57 -30.66
CA SER B 277 -19.68 4.31 -29.41
C SER B 277 -18.50 5.27 -29.41
N ILE B 278 -17.38 4.86 -30.03
CA ILE B 278 -16.24 5.73 -30.20
C ILE B 278 -16.59 6.84 -31.20
N SER B 279 -16.95 6.44 -32.43
CA SER B 279 -17.23 7.37 -33.51
C SER B 279 -18.20 8.46 -33.06
N GLU B 280 -19.32 8.05 -32.47
CA GLU B 280 -20.43 8.94 -32.17
C GLU B 280 -20.09 9.86 -31.00
N SER B 281 -19.53 9.29 -29.93
CA SER B 281 -19.18 10.07 -28.75
C SER B 281 -18.08 11.08 -29.08
N LEU B 282 -17.10 10.64 -29.91
CA LEU B 282 -15.92 11.45 -30.21
C LEU B 282 -16.30 12.66 -31.06
N LEU B 283 -17.05 12.41 -32.15
CA LEU B 283 -17.47 13.46 -33.06
C LEU B 283 -18.47 14.39 -32.39
N ASP B 284 -19.21 13.87 -31.40
CA ASP B 284 -20.19 14.63 -30.66
C ASP B 284 -19.50 15.73 -29.85
N ALA B 285 -18.34 15.41 -29.25
CA ALA B 285 -17.66 16.32 -28.35
C ALA B 285 -16.64 17.19 -29.09
N GLN B 286 -16.10 16.70 -30.21
CA GLN B 286 -15.10 17.42 -30.99
C GLN B 286 -15.45 17.30 -32.46
N PRO B 287 -16.48 18.03 -32.94
CA PRO B 287 -16.87 18.02 -34.36
C PRO B 287 -15.75 18.33 -35.34
N ASP B 288 -14.79 19.18 -34.92
CA ASP B 288 -13.74 19.67 -35.79
C ASP B 288 -12.48 18.81 -35.67
N CYS B 289 -12.66 17.50 -35.50
CA CYS B 289 -11.55 16.58 -35.28
C CYS B 289 -10.89 16.21 -36.60
N GLU B 290 -9.68 16.74 -36.83
CA GLU B 290 -8.91 16.42 -38.04
C GLU B 290 -8.23 15.07 -37.90
N GLU B 291 -7.67 14.77 -36.72
CA GLU B 291 -6.85 13.57 -36.53
C GLU B 291 -7.30 12.81 -35.29
N VAL B 292 -7.40 11.48 -35.41
CA VAL B 292 -7.62 10.59 -34.29
C VAL B 292 -6.38 9.72 -34.13
N LEU B 293 -5.64 9.90 -33.02
CA LEU B 293 -4.43 9.15 -32.75
C LEU B 293 -4.76 7.98 -31.83
N VAL B 294 -4.78 6.77 -32.41
CA VAL B 294 -5.22 5.58 -31.70
C VAL B 294 -4.01 4.90 -31.05
N CYS B 295 -4.17 4.47 -29.79
CA CYS B 295 -3.11 3.76 -29.09
C CYS B 295 -3.72 2.63 -28.25
N GLY B 296 -2.84 1.82 -27.62
CA GLY B 296 -3.28 0.68 -26.84
C GLY B 296 -3.61 -0.52 -27.74
N GLY B 297 -4.06 -1.62 -27.12
CA GLY B 297 -4.25 -2.90 -27.78
C GLY B 297 -5.20 -2.85 -28.98
N GLY B 298 -6.28 -2.06 -28.87
CA GLY B 298 -7.26 -1.92 -29.93
C GLY B 298 -6.66 -1.35 -31.22
N ALA B 299 -5.54 -0.63 -31.09
CA ALA B 299 -4.83 -0.06 -32.22
C ALA B 299 -4.43 -1.14 -33.22
N PHE B 300 -4.15 -2.37 -32.74
CA PHE B 300 -3.71 -3.47 -33.60
C PHE B 300 -4.89 -4.33 -34.05
N ASN B 301 -6.12 -3.83 -33.89
CA ASN B 301 -7.29 -4.53 -34.39
C ASN B 301 -7.61 -3.95 -35.76
N THR B 302 -7.03 -4.54 -36.81
CA THR B 302 -7.16 -4.02 -38.16
C THR B 302 -8.64 -3.74 -38.45
N ALA B 303 -9.49 -4.73 -38.16
CA ALA B 303 -10.92 -4.66 -38.44
C ALA B 303 -11.54 -3.42 -37.80
N LEU B 304 -11.27 -3.21 -36.50
CA LEU B 304 -11.82 -2.11 -35.75
C LEU B 304 -11.29 -0.78 -36.27
N MET B 305 -10.04 -0.80 -36.77
CA MET B 305 -9.39 0.41 -37.28
C MET B 305 -9.94 0.74 -38.67
N LYS B 306 -10.40 -0.28 -39.41
CA LYS B 306 -11.13 -0.05 -40.66
C LYS B 306 -12.42 0.70 -40.35
N ARG B 307 -13.24 0.11 -39.48
CA ARG B 307 -14.56 0.64 -39.18
C ARG B 307 -14.45 2.07 -38.64
N LEU B 308 -13.48 2.31 -37.75
CA LEU B 308 -13.30 3.64 -37.16
C LEU B 308 -13.01 4.68 -38.25
N ALA B 309 -12.23 4.30 -39.27
CA ALA B 309 -11.87 5.21 -40.34
C ALA B 309 -13.11 5.59 -41.16
N MET B 310 -14.02 4.64 -41.33
CA MET B 310 -15.23 4.83 -42.12
C MET B 310 -16.25 5.64 -41.33
N LEU B 311 -16.43 5.28 -40.05
CA LEU B 311 -17.46 5.89 -39.20
C LEU B 311 -17.04 7.29 -38.74
N MET B 312 -15.79 7.68 -39.06
CA MET B 312 -15.32 9.04 -38.82
C MET B 312 -14.65 9.52 -40.11
N PRO B 313 -15.44 9.73 -41.19
CA PRO B 313 -14.89 9.86 -42.54
C PRO B 313 -14.03 11.10 -42.78
N GLU B 314 -14.29 12.17 -42.00
CA GLU B 314 -13.67 13.46 -42.24
C GLU B 314 -12.41 13.62 -41.39
N ALA B 315 -12.07 12.59 -40.61
CA ALA B 315 -10.89 12.62 -39.76
C ALA B 315 -9.86 11.59 -40.25
N ARG B 316 -8.58 11.92 -40.06
CA ARG B 316 -7.49 10.98 -40.31
C ARG B 316 -7.34 10.05 -39.10
N VAL B 317 -7.68 8.77 -39.31
CA VAL B 317 -7.67 7.77 -38.24
C VAL B 317 -6.46 6.86 -38.44
N ALA B 318 -5.53 6.91 -37.48
CA ALA B 318 -4.30 6.13 -37.54
C ALA B 318 -3.71 5.97 -36.14
N SER B 319 -2.75 5.04 -36.01
CA SER B 319 -2.09 4.80 -34.74
C SER B 319 -1.01 5.86 -34.53
N THR B 320 -0.52 5.98 -33.29
CA THR B 320 0.43 7.03 -32.93
C THR B 320 1.79 6.78 -33.57
N ASP B 321 1.97 5.60 -34.20
CA ASP B 321 3.16 5.30 -34.97
C ASP B 321 3.40 6.40 -36.02
N GLU B 322 2.31 6.90 -36.60
CA GLU B 322 2.37 7.86 -37.69
C GLU B 322 2.90 9.20 -37.18
N TYR B 323 2.67 9.47 -35.88
CA TYR B 323 3.09 10.72 -35.26
C TYR B 323 4.27 10.49 -34.32
N GLY B 324 4.92 9.32 -34.44
CA GLY B 324 6.29 9.16 -33.98
C GLY B 324 6.44 8.25 -32.75
N ILE B 325 5.34 7.72 -32.21
CA ILE B 325 5.42 6.93 -30.98
C ILE B 325 4.58 5.67 -31.12
N PRO B 326 5.16 4.47 -30.92
CA PRO B 326 4.45 3.22 -31.13
C PRO B 326 3.26 3.10 -30.19
N PRO B 327 2.06 2.68 -30.68
CA PRO B 327 0.85 2.64 -29.87
C PRO B 327 0.91 1.70 -28.67
N ALA B 328 1.77 0.67 -28.77
CA ALA B 328 1.96 -0.31 -27.70
C ALA B 328 2.46 0.34 -26.42
N TRP B 329 3.32 1.36 -26.54
CA TRP B 329 4.08 1.86 -25.40
C TRP B 329 3.51 3.15 -24.81
N MET B 330 2.42 3.69 -25.39
CA MET B 330 1.87 4.96 -24.96
C MET B 330 1.70 4.98 -23.43
N GLU B 331 1.02 3.95 -22.92
CA GLU B 331 0.58 3.96 -21.54
C GLU B 331 1.79 3.87 -20.61
N GLY B 332 2.74 3.00 -20.95
CA GLY B 332 3.95 2.85 -20.16
C GLY B 332 4.75 4.14 -20.08
N MET B 333 4.78 4.86 -21.21
CA MET B 333 5.50 6.11 -21.33
C MET B 333 4.86 7.18 -20.44
N ALA B 334 3.53 7.14 -20.32
CA ALA B 334 2.78 8.06 -19.48
C ALA B 334 3.14 7.85 -18.00
N PHE B 335 3.41 6.61 -17.60
CA PHE B 335 3.69 6.34 -16.19
C PHE B 335 5.14 6.72 -15.85
N ALA B 336 6.05 6.58 -16.82
CA ALA B 336 7.39 7.12 -16.67
C ALA B 336 7.32 8.65 -16.52
N TRP B 337 6.44 9.27 -17.31
CA TRP B 337 6.25 10.72 -17.27
C TRP B 337 5.72 11.09 -15.89
N LEU B 338 4.77 10.32 -15.38
CA LEU B 338 4.20 10.60 -14.06
C LEU B 338 5.28 10.56 -12.96
N ALA B 339 6.28 9.67 -13.07
CA ALA B 339 7.41 9.72 -12.14
C ALA B 339 8.11 11.08 -12.25
N HIS B 340 8.26 11.58 -13.49
CA HIS B 340 8.91 12.88 -13.65
C HIS B 340 8.10 13.98 -12.96
N ARG B 341 6.76 13.94 -13.10
CA ARG B 341 5.93 15.00 -12.59
C ARG B 341 5.98 14.98 -11.06
N PHE B 342 6.00 13.78 -10.47
CA PHE B 342 6.12 13.65 -9.03
C PHE B 342 7.39 14.36 -8.53
N LEU B 343 8.54 14.02 -9.11
CA LEU B 343 9.82 14.48 -8.59
C LEU B 343 9.98 15.98 -8.81
N GLU B 344 9.38 16.51 -9.89
CA GLU B 344 9.37 17.93 -10.18
C GLU B 344 8.26 18.65 -9.41
N ARG B 345 7.36 17.90 -8.77
CA ARG B 345 6.24 18.44 -8.00
C ARG B 345 5.31 19.23 -8.92
N LEU B 346 5.08 18.68 -10.11
CA LEU B 346 4.14 19.21 -11.07
C LEU B 346 2.88 18.35 -11.07
N PRO B 347 1.69 18.93 -11.28
CA PRO B 347 0.44 18.16 -11.29
C PRO B 347 0.36 17.04 -12.32
N GLY B 348 -0.25 15.93 -11.92
CA GLY B 348 -0.35 14.74 -12.76
C GLY B 348 -1.77 14.41 -13.18
N ASN B 349 -2.75 15.07 -12.56
CA ASN B 349 -4.15 14.85 -12.91
C ASN B 349 -4.63 16.01 -13.77
N CYS B 350 -5.74 15.77 -14.47
CA CYS B 350 -6.54 16.83 -15.09
C CYS B 350 -7.88 16.83 -14.38
N PRO B 351 -8.06 17.67 -13.34
CA PRO B 351 -9.21 17.56 -12.44
C PRO B 351 -10.54 17.77 -13.15
N ASP B 352 -10.51 18.43 -14.32
CA ASP B 352 -11.70 18.55 -15.14
C ASP B 352 -12.07 17.21 -15.76
N VAL B 353 -11.07 16.35 -16.02
CA VAL B 353 -11.34 15.03 -16.56
C VAL B 353 -11.66 14.04 -15.44
N THR B 354 -10.95 14.14 -14.31
CA THR B 354 -11.09 13.13 -13.25
C THR B 354 -12.22 13.50 -12.29
N GLY B 355 -12.52 14.79 -12.17
CA GLY B 355 -13.53 15.24 -11.22
C GLY B 355 -12.94 15.56 -9.84
N ALA B 356 -11.60 15.64 -9.76
CA ALA B 356 -10.94 16.00 -8.51
C ALA B 356 -11.10 17.50 -8.26
N LEU B 357 -10.92 17.90 -7.00
CA LEU B 357 -11.15 19.25 -6.52
C LEU B 357 -10.19 20.23 -7.21
N GLY B 358 -9.01 19.75 -7.59
CA GLY B 358 -8.04 20.62 -8.24
C GLY B 358 -6.76 19.86 -8.57
N PRO B 359 -5.69 20.57 -8.99
CA PRO B 359 -4.41 19.93 -9.31
C PRO B 359 -3.81 19.24 -8.08
N ARG B 360 -3.21 18.08 -8.31
CA ARG B 360 -2.56 17.33 -7.25
C ARG B 360 -1.28 16.67 -7.77
N THR B 361 -0.25 16.61 -6.92
CA THR B 361 0.89 15.77 -7.21
C THR B 361 0.49 14.33 -6.87
N LEU B 362 0.71 13.43 -7.84
CA LEU B 362 0.26 12.05 -7.78
C LEU B 362 1.45 11.14 -7.53
N GLY B 363 1.25 10.15 -6.66
CA GLY B 363 2.21 9.10 -6.41
C GLY B 363 2.87 9.26 -5.06
N ALA B 364 3.87 8.40 -4.85
CA ALA B 364 4.59 8.29 -3.59
C ALA B 364 5.96 7.69 -3.88
N LEU B 365 6.98 8.21 -3.20
CA LEU B 365 8.35 7.85 -3.49
C LEU B 365 8.87 6.79 -2.51
N TYR B 366 9.24 5.66 -3.09
CA TYR B 366 9.96 4.59 -2.41
C TYR B 366 11.42 4.62 -2.86
N PRO B 367 12.35 5.26 -2.13
CA PRO B 367 13.72 5.40 -2.62
C PRO B 367 14.53 4.11 -2.53
N ALA B 368 15.43 3.87 -3.52
CA ALA B 368 16.40 2.79 -3.39
C ALA B 368 17.35 3.08 -2.23
#